data_7R2S
#
_entry.id   7R2S
#
_cell.length_a   88.952
_cell.length_b   64.425
_cell.length_c   147.080
_cell.angle_alpha   90.000
_cell.angle_beta   91.460
_cell.angle_gamma   90.000
#
_symmetry.space_group_name_H-M   'I 1 2 1'
#
loop_
_entity.id
_entity.type
_entity.pdbx_description
1 polymer 'Anaerobic nitric oxide reductase flavorubredoxin'
2 non-polymer 'FLAVIN MONONUCLEOTIDE'
3 non-polymer 'FE (III) ION'
4 non-polymer 'OXYGEN ATOM'
5 non-polymer KRYPTON
6 non-polymer 'OXYGEN MOLECULE'
7 water water
#
_entity_poly.entity_id   1
_entity_poly.type   'polypeptide(L)'
_entity_poly.pdbx_seq_one_letter_code
;MSIVVKNNIHWVGQRDWEVRDFHGTEYKTLRGSSYNSYLIREEKNVLIDTVKHKFSREFVQNLRNEIDLADIDYIVINHA
EEDHAGALTELMAQIPDTPIYCTANAIDSINGHHHHPEWNFNVVKTGDTLDIGNGKQLIFVETPMLHWPDSMMTYLTGDA
VLFSNDAFGQHYCDEHLFNDEVDQTELFEQCQRYYANILTPFSRLVTPKITEILGFNLPVDMIATSHGVVWRDNPTQIVE
LYLKWAADYQEDRITIFYDTMSNNTRMMADAIAQGIAETDPRVAVKIFNVARSDKNEILTNVFRSKGVLVGTSTMNNVMM
PKIAGLVEEMTGLRFRNKRASAFGSHGWSGGAVDRLSTRLQDAGFEMSLSLKAKWRPDQDALKLCREHGREIARQWALAP
LPQSTVNTVVKEETSATTTADLGPRMQCSVCQWIYDPAKGEPMQDVAPGTPWSEVPDNFLCPECSLGKDVFEELASEAK
;
_entity_poly.pdbx_strand_id   A,B
#
loop_
_chem_comp.id
_chem_comp.type
_chem_comp.name
_chem_comp.formula
FE non-polymer 'FE (III) ION' 'Fe 3'
FMN non-polymer 'FLAVIN MONONUCLEOTIDE' 'C17 H21 N4 O9 P'
KR non-polymer KRYPTON Kr
O non-polymer 'OXYGEN ATOM' O
OXY non-polymer 'OXYGEN MOLECULE' O2
#
# COMPACT_ATOMS: atom_id res chain seq x y z
N SER A 2 27.61 -0.57 -10.76
CA SER A 2 27.25 0.82 -10.95
C SER A 2 26.41 1.02 -12.21
N ILE A 3 25.64 2.09 -12.25
CA ILE A 3 24.78 2.38 -13.39
C ILE A 3 25.09 3.75 -13.99
N VAL A 4 25.25 3.79 -15.31
CA VAL A 4 25.53 5.04 -16.00
C VAL A 4 24.30 5.94 -15.98
N VAL A 5 24.41 7.06 -15.27
CA VAL A 5 23.32 8.03 -15.22
C VAL A 5 23.31 8.87 -16.49
N LYS A 6 24.44 9.47 -16.81
CA LYS A 6 24.58 10.28 -18.02
C LYS A 6 26.06 10.56 -18.28
N ASN A 7 26.53 10.19 -19.47
CA ASN A 7 27.92 10.37 -19.87
C ASN A 7 28.90 9.77 -18.87
N ASN A 8 29.53 10.63 -18.08
CA ASN A 8 30.52 10.20 -17.10
C ASN A 8 29.99 10.21 -15.67
N ILE A 9 28.68 10.34 -15.53
CA ILE A 9 28.05 10.28 -14.21
C ILE A 9 27.61 8.86 -13.89
N HIS A 10 28.15 8.31 -12.81
CA HIS A 10 27.88 6.92 -12.44
C HIS A 10 27.22 6.80 -11.08
N TRP A 11 26.09 6.10 -11.04
CA TRP A 11 25.41 5.81 -9.78
C TRP A 11 26.13 4.68 -9.04
N VAL A 12 26.67 4.99 -7.87
CA VAL A 12 27.41 4.00 -7.09
C VAL A 12 26.79 3.82 -5.71
N GLY A 13 25.47 4.00 -5.63
CA GLY A 13 24.76 3.94 -4.37
C GLY A 13 24.35 2.53 -3.95
N GLN A 14 23.33 2.46 -3.11
CA GLN A 14 22.87 1.18 -2.58
C GLN A 14 21.36 1.10 -2.50
N ARG A 15 20.80 0.03 -3.07
CA ARG A 15 19.38 -0.24 -2.95
C ARG A 15 19.08 -0.95 -1.63
N ASP A 16 17.94 -0.60 -1.04
CA ASP A 16 17.51 -1.23 0.21
C ASP A 16 16.09 -1.77 0.11
N TRP A 17 15.99 -3.03 -0.31
CA TRP A 17 14.69 -3.67 -0.49
C TRP A 17 14.02 -4.00 0.85
N GLU A 18 14.82 -4.29 1.87
CA GLU A 18 14.31 -4.78 3.14
C GLU A 18 13.82 -3.70 4.10
N VAL A 19 14.38 -2.49 4.00
CA VAL A 19 14.13 -1.46 5.01
C VAL A 19 12.65 -1.12 5.15
N ARG A 20 12.18 -1.09 6.39
CA ARG A 20 10.77 -0.82 6.68
C ARG A 20 10.60 0.29 7.71
N ASP A 21 11.70 0.74 8.30
CA ASP A 21 11.62 1.78 9.33
C ASP A 21 12.68 2.87 9.13
N PHE A 22 12.23 4.11 9.12
CA PHE A 22 13.12 5.27 9.03
C PHE A 22 12.84 6.27 10.14
N HIS A 23 13.85 7.02 10.55
CA HIS A 23 13.76 7.96 11.66
C HIS A 23 13.20 7.25 12.89
N GLY A 24 13.84 6.15 13.27
CA GLY A 24 13.32 5.28 14.30
C GLY A 24 12.23 4.40 13.72
N THR A 25 11.01 4.56 14.22
CA THR A 25 9.85 3.88 13.64
C THR A 25 8.81 4.91 13.23
N GLU A 26 9.28 6.12 12.91
CA GLU A 26 8.38 7.23 12.62
C GLU A 26 8.03 7.35 11.14
N TYR A 27 8.81 6.68 10.29
CA TYR A 27 8.49 6.65 8.88
C TYR A 27 8.59 5.23 8.33
N LYS A 28 7.44 4.62 8.07
CA LYS A 28 7.39 3.27 7.51
C LYS A 28 7.65 3.31 6.00
N THR A 29 8.70 2.62 5.57
CA THR A 29 9.01 2.51 4.14
C THR A 29 8.48 1.18 3.60
N LEU A 30 7.23 1.20 3.15
CA LEU A 30 6.55 -0.02 2.73
C LEU A 30 7.05 -0.57 1.41
N ARG A 31 7.74 0.26 0.64
CA ARG A 31 8.29 -0.16 -0.65
C ARG A 31 9.80 -0.01 -0.68
N GLY A 32 10.42 -0.10 0.49
CA GLY A 32 11.86 0.01 0.61
C GLY A 32 12.36 1.40 0.24
N SER A 33 13.65 1.50 0.00
CA SER A 33 14.25 2.77 -0.38
C SER A 33 15.61 2.54 -1.05
N SER A 34 16.27 3.64 -1.40
CA SER A 34 17.61 3.59 -1.95
C SER A 34 18.45 4.73 -1.43
N TYR A 35 19.76 4.54 -1.39
CA TYR A 35 20.67 5.59 -0.99
C TYR A 35 21.60 5.90 -2.15
N ASN A 36 21.28 6.96 -2.87
CA ASN A 36 21.96 7.26 -4.13
C ASN A 36 23.26 8.03 -3.95
N SER A 37 24.36 7.40 -4.36
CA SER A 37 25.66 8.08 -4.42
C SER A 37 26.10 8.18 -5.87
N TYR A 38 26.83 9.25 -6.20
CA TYR A 38 27.19 9.50 -7.59
C TYR A 38 28.68 9.79 -7.76
N LEU A 39 29.28 9.14 -8.75
CA LEU A 39 30.69 9.36 -9.06
C LEU A 39 30.84 10.03 -10.43
N ILE A 40 31.32 11.26 -10.43
CA ILE A 40 31.53 12.01 -11.67
C ILE A 40 33.00 11.94 -12.09
N ARG A 41 33.24 11.47 -13.31
CA ARG A 41 34.61 11.25 -13.77
C ARG A 41 34.95 12.04 -15.02
N GLU A 42 35.42 13.27 -14.84
CA GLU A 42 35.92 14.08 -15.94
C GLU A 42 37.45 14.14 -15.86
N GLU A 43 38.01 15.34 -15.89
CA GLU A 43 39.44 15.51 -15.62
C GLU A 43 39.67 15.31 -14.14
N LYS A 44 38.71 15.76 -13.33
CA LYS A 44 38.73 15.52 -11.90
C LYS A 44 37.66 14.48 -11.55
N ASN A 45 37.93 13.68 -10.52
CA ASN A 45 36.99 12.67 -10.07
C ASN A 45 36.30 13.09 -8.79
N VAL A 46 34.97 13.20 -8.85
CA VAL A 46 34.18 13.72 -7.74
C VAL A 46 33.12 12.74 -7.24
N LEU A 47 33.15 12.49 -5.93
CA LEU A 47 32.14 11.64 -5.31
C LEU A 47 31.10 12.50 -4.59
N ILE A 48 29.83 12.27 -4.90
CA ILE A 48 28.75 13.04 -4.29
C ILE A 48 27.93 12.20 -3.33
N ASP A 49 28.05 12.51 -2.04
CA ASP A 49 27.38 11.79 -0.95
C ASP A 49 27.77 10.32 -0.88
N THR A 50 27.39 9.65 0.20
CA THR A 50 27.66 8.23 0.36
C THR A 50 26.37 7.46 0.61
N VAL A 51 26.44 6.45 1.46
CA VAL A 51 25.26 5.64 1.79
C VAL A 51 25.14 5.47 3.30
N LYS A 52 24.13 4.71 3.71
CA LYS A 52 23.92 4.41 5.13
C LYS A 52 25.09 3.60 5.67
N HIS A 53 25.35 3.73 6.97
CA HIS A 53 26.53 3.13 7.59
C HIS A 53 26.55 1.60 7.51
N LYS A 54 25.38 0.97 7.57
CA LYS A 54 25.30 -0.48 7.57
C LYS A 54 25.68 -1.06 6.20
N PHE A 55 25.74 -0.21 5.19
CA PHE A 55 26.13 -0.64 3.85
C PHE A 55 27.49 -0.05 3.45
N SER A 56 28.26 0.37 4.43
CA SER A 56 29.55 1.03 4.18
C SER A 56 30.57 0.08 3.59
N ARG A 57 30.61 -1.15 4.08
CA ARG A 57 31.54 -2.17 3.59
C ARG A 57 31.33 -2.43 2.10
N GLU A 58 30.07 -2.57 1.69
CA GLU A 58 29.74 -2.82 0.30
C GLU A 58 29.98 -1.57 -0.55
N PHE A 59 29.77 -0.40 0.04
CA PHE A 59 29.92 0.87 -0.66
C PHE A 59 31.36 1.11 -1.10
N VAL A 60 32.29 0.94 -0.17
CA VAL A 60 33.70 1.14 -0.45
C VAL A 60 34.21 0.11 -1.44
N GLN A 61 33.81 -1.15 -1.25
CA GLN A 61 34.23 -2.23 -2.13
C GLN A 61 33.76 -2.01 -3.57
N ASN A 62 32.49 -1.66 -3.72
CA ASN A 62 31.93 -1.36 -5.04
C ASN A 62 32.62 -0.14 -5.65
N LEU A 63 33.04 0.79 -4.80
CA LEU A 63 33.71 2.00 -5.25
C LEU A 63 35.11 1.67 -5.74
N ARG A 64 35.77 0.72 -5.08
CA ARG A 64 37.07 0.23 -5.51
C ARG A 64 36.99 -0.41 -6.90
N ASN A 65 35.88 -1.09 -7.16
CA ASN A 65 35.69 -1.78 -8.44
C ASN A 65 35.43 -0.82 -9.59
N GLU A 66 35.17 0.44 -9.26
CA GLU A 66 34.85 1.44 -10.27
C GLU A 66 36.02 2.40 -10.50
N ILE A 67 36.80 2.62 -9.45
CA ILE A 67 37.91 3.57 -9.50
C ILE A 67 38.86 3.35 -8.32
N ASP A 68 40.14 3.64 -8.52
CA ASP A 68 41.09 3.62 -7.43
C ASP A 68 40.77 4.79 -6.49
N LEU A 69 40.71 4.50 -5.20
CA LEU A 69 40.27 5.49 -4.21
C LEU A 69 41.19 6.71 -4.17
N ALA A 70 42.46 6.51 -4.50
CA ALA A 70 43.43 7.59 -4.53
C ALA A 70 43.16 8.55 -5.68
N ASP A 71 42.45 8.08 -6.70
CA ASP A 71 42.15 8.89 -7.88
C ASP A 71 40.94 9.79 -7.65
N ILE A 72 40.28 9.65 -6.50
CA ILE A 72 39.17 10.53 -6.14
C ILE A 72 39.70 11.88 -5.68
N ASP A 73 39.35 12.93 -6.42
CA ASP A 73 39.84 14.26 -6.12
C ASP A 73 39.02 14.97 -5.04
N TYR A 74 37.71 15.08 -5.26
CA TYR A 74 36.86 15.82 -4.33
C TYR A 74 35.67 14.98 -3.85
N ILE A 75 35.24 15.25 -2.63
CA ILE A 75 34.04 14.62 -2.07
C ILE A 75 33.02 15.68 -1.69
N VAL A 76 31.81 15.55 -2.23
CA VAL A 76 30.75 16.50 -1.93
C VAL A 76 29.71 15.89 -0.99
N ILE A 77 29.42 16.61 0.10
CA ILE A 77 28.38 16.20 1.03
C ILE A 77 27.25 17.23 1.06
N ASN A 78 26.14 16.91 0.41
CA ASN A 78 25.00 17.81 0.37
C ASN A 78 24.22 17.80 1.68
N HIS A 79 24.42 16.76 2.48
CA HIS A 79 23.57 16.48 3.63
C HIS A 79 24.23 15.41 4.49
N ALA A 80 24.31 15.67 5.79
CA ALA A 80 25.10 14.81 6.68
C ALA A 80 24.26 13.86 7.53
N GLU A 81 23.02 13.60 7.11
CA GLU A 81 22.22 12.61 7.81
C GLU A 81 22.80 11.23 7.55
N GLU A 82 22.66 10.33 8.52
CA GLU A 82 23.34 9.04 8.52
C GLU A 82 23.12 8.18 7.27
N ASP A 83 22.07 8.45 6.52
CA ASP A 83 21.77 7.64 5.35
C ASP A 83 22.48 8.14 4.09
N HIS A 84 23.13 9.30 4.20
CA HIS A 84 23.84 9.87 3.05
C HIS A 84 25.31 10.08 3.35
N ALA A 85 25.66 10.17 4.64
CA ALA A 85 27.04 10.38 5.04
C ALA A 85 27.49 9.36 6.07
N GLY A 86 26.77 8.24 6.14
CA GLY A 86 27.06 7.21 7.13
C GLY A 86 28.31 6.41 6.85
N ALA A 87 28.67 6.30 5.57
CA ALA A 87 29.83 5.53 5.17
C ALA A 87 31.07 6.40 5.05
N LEU A 88 30.98 7.63 5.56
CA LEU A 88 32.04 8.62 5.41
C LEU A 88 33.31 8.22 6.18
N THR A 89 33.15 7.82 7.43
CA THR A 89 34.29 7.44 8.26
C THR A 89 35.05 6.27 7.65
N GLU A 90 34.31 5.27 7.18
CA GLU A 90 34.90 4.10 6.54
C GLU A 90 35.71 4.48 5.30
N LEU A 91 35.20 5.44 4.52
CA LEU A 91 35.87 5.88 3.30
C LEU A 91 37.08 6.75 3.60
N MET A 92 36.92 7.69 4.54
CA MET A 92 37.98 8.62 4.88
C MET A 92 39.15 7.92 5.58
N ALA A 93 38.92 6.70 6.06
CA ALA A 93 39.98 5.92 6.68
C ALA A 93 41.00 5.49 5.62
N GLN A 94 40.53 5.37 4.39
CA GLN A 94 41.39 4.97 3.28
C GLN A 94 42.00 6.17 2.57
N ILE A 95 41.26 7.28 2.54
CA ILE A 95 41.72 8.50 1.88
C ILE A 95 41.50 9.73 2.74
N PRO A 96 42.26 9.87 3.83
CA PRO A 96 42.06 10.95 4.80
C PRO A 96 42.35 12.35 4.29
N ASP A 97 43.16 12.47 3.24
CA ASP A 97 43.57 13.79 2.75
C ASP A 97 42.59 14.37 1.72
N THR A 98 41.61 13.56 1.33
CA THR A 98 40.63 13.99 0.33
C THR A 98 39.76 15.12 0.86
N PRO A 99 39.70 16.24 0.13
CA PRO A 99 38.88 17.41 0.49
C PRO A 99 37.39 17.10 0.50
N ILE A 100 36.68 17.65 1.48
CA ILE A 100 35.23 17.51 1.56
C ILE A 100 34.55 18.86 1.37
N TYR A 101 33.72 18.97 0.34
CA TYR A 101 33.01 20.21 0.07
C TYR A 101 31.59 20.18 0.62
N CYS A 102 31.27 21.16 1.46
CA CYS A 102 29.97 21.19 2.15
C CYS A 102 29.70 22.57 2.74
N THR A 103 28.50 22.74 3.30
CA THR A 103 28.14 24.01 3.92
C THR A 103 28.83 24.18 5.27
N ALA A 104 28.74 25.38 5.83
CA ALA A 104 29.33 25.66 7.14
C ALA A 104 28.60 24.88 8.23
N ASN A 105 27.29 24.75 8.07
CA ASN A 105 26.49 23.98 9.02
C ASN A 105 26.76 22.49 8.92
N ALA A 106 27.30 22.06 7.78
CA ALA A 106 27.58 20.65 7.54
C ALA A 106 28.79 20.19 8.34
N ILE A 107 29.74 21.10 8.58
CA ILE A 107 30.91 20.77 9.38
C ILE A 107 30.48 20.38 10.79
N ASP A 108 29.49 21.09 11.32
CA ASP A 108 28.97 20.79 12.65
C ASP A 108 28.25 19.44 12.69
N SER A 109 27.50 19.14 11.64
CA SER A 109 26.72 17.90 11.59
C SER A 109 27.59 16.69 11.27
N ILE A 110 28.53 16.85 10.35
CA ILE A 110 29.45 15.77 10.01
C ILE A 110 30.33 15.40 11.20
N ASN A 111 30.95 16.40 11.82
CA ASN A 111 31.75 16.18 13.02
C ASN A 111 30.91 15.65 14.18
N GLY A 112 29.65 16.09 14.24
CA GLY A 112 28.74 15.66 15.28
C GLY A 112 28.50 14.16 15.27
N HIS A 113 28.52 13.56 14.09
CA HIS A 113 28.31 12.13 13.95
C HIS A 113 29.63 11.35 13.94
N HIS A 114 30.61 11.88 13.22
CA HIS A 114 31.83 11.13 12.92
C HIS A 114 33.01 11.44 13.85
N HIS A 115 33.01 12.64 14.42
CA HIS A 115 34.05 13.06 15.37
C HIS A 115 35.45 13.01 14.77
N HIS A 116 35.56 13.40 13.50
CA HIS A 116 36.86 13.54 12.86
C HIS A 116 37.02 14.95 12.29
N PRO A 117 37.22 15.94 13.16
CA PRO A 117 37.33 17.33 12.70
C PRO A 117 38.64 17.60 11.95
N GLU A 118 39.56 16.64 11.98
CA GLU A 118 40.84 16.81 11.30
C GLU A 118 40.70 16.67 9.79
N TRP A 119 39.54 16.19 9.34
CA TRP A 119 39.26 16.11 7.91
C TRP A 119 39.36 17.48 7.24
N ASN A 120 39.65 17.48 5.94
CA ASN A 120 39.83 18.71 5.20
C ASN A 120 38.51 19.23 4.63
N PHE A 121 37.81 20.04 5.41
CA PHE A 121 36.52 20.60 4.99
C PHE A 121 36.70 21.87 4.18
N ASN A 122 35.83 22.05 3.18
CA ASN A 122 35.81 23.28 2.40
C ASN A 122 34.41 23.90 2.39
N VAL A 123 34.25 24.98 3.15
CA VAL A 123 32.97 25.66 3.24
C VAL A 123 32.55 26.26 1.90
N VAL A 124 31.39 25.83 1.41
CA VAL A 124 30.85 26.39 0.18
C VAL A 124 29.56 27.15 0.48
N LYS A 125 29.30 28.18 -0.32
CA LYS A 125 28.06 28.93 -0.21
C LYS A 125 27.45 29.08 -1.60
N THR A 126 26.22 29.58 -1.65
CA THR A 126 25.48 29.69 -2.90
C THR A 126 26.21 30.54 -3.93
N GLY A 127 26.49 29.94 -5.09
CA GLY A 127 27.19 30.63 -6.16
C GLY A 127 28.61 30.13 -6.35
N ASP A 128 29.17 29.51 -5.32
CA ASP A 128 30.52 28.96 -5.40
C ASP A 128 30.61 27.86 -6.45
N THR A 129 31.74 27.80 -7.13
CA THR A 129 31.93 26.81 -8.19
C THR A 129 33.10 25.88 -7.89
N LEU A 130 33.13 24.74 -8.59
CA LEU A 130 34.23 23.80 -8.47
C LEU A 130 34.50 23.15 -9.82
N ASP A 131 35.57 23.57 -10.49
CA ASP A 131 35.90 23.07 -11.81
C ASP A 131 36.37 21.62 -11.76
N ILE A 132 35.86 20.81 -12.68
CA ILE A 132 36.23 19.39 -12.73
C ILE A 132 36.82 19.04 -14.09
N GLY A 133 36.93 20.03 -14.97
CA GLY A 133 37.55 19.83 -16.27
C GLY A 133 36.56 19.63 -17.40
N ASN A 134 37.07 19.65 -18.62
CA ASN A 134 36.27 19.46 -19.84
C ASN A 134 35.12 20.44 -19.97
N GLY A 135 35.32 21.65 -19.46
CA GLY A 135 34.32 22.71 -19.59
C GLY A 135 33.16 22.57 -18.62
N LYS A 136 33.24 21.59 -17.73
CA LYS A 136 32.18 21.35 -16.76
C LYS A 136 32.59 21.81 -15.36
N GLN A 137 31.61 22.17 -14.54
CA GLN A 137 31.87 22.60 -13.17
C GLN A 137 30.66 22.35 -12.27
N LEU A 138 30.91 22.23 -10.97
CA LEU A 138 29.86 22.07 -10.00
C LEU A 138 29.47 23.42 -9.39
N ILE A 139 28.18 23.70 -9.35
CA ILE A 139 27.68 24.93 -8.74
C ILE A 139 26.87 24.60 -7.49
N PHE A 140 27.23 25.22 -6.37
CA PHE A 140 26.61 24.90 -5.09
C PHE A 140 25.50 25.90 -4.74
N VAL A 141 24.41 25.38 -4.18
CA VAL A 141 23.29 26.20 -3.74
C VAL A 141 22.86 25.79 -2.33
N GLU A 142 22.94 26.73 -1.39
CA GLU A 142 22.56 26.46 -0.01
C GLU A 142 21.04 26.37 0.15
N THR A 143 20.59 25.31 0.80
CA THR A 143 19.17 25.14 1.10
C THR A 143 18.95 24.85 2.58
N PRO A 144 19.20 25.85 3.45
CA PRO A 144 19.07 25.63 4.89
C PRO A 144 17.63 25.27 5.28
N MET A 145 17.49 24.35 6.22
CA MET A 145 16.20 23.87 6.70
C MET A 145 15.35 23.23 5.60
N LEU A 146 16.01 22.68 4.58
CA LEU A 146 15.34 21.89 3.56
C LEU A 146 16.05 20.55 3.35
N HIS A 147 15.96 19.63 4.32
CA HIS A 147 15.15 19.82 5.53
C HIS A 147 16.03 20.06 6.76
N TRP A 148 17.35 20.05 6.55
CA TRP A 148 18.30 20.31 7.63
C TRP A 148 19.04 21.63 7.42
N PRO A 149 19.64 22.17 8.49
CA PRO A 149 20.51 23.35 8.39
C PRO A 149 21.68 23.16 7.44
N ASP A 150 22.14 21.92 7.27
CA ASP A 150 23.31 21.66 6.45
C ASP A 150 22.97 21.40 4.99
N SER A 151 21.68 21.27 4.71
CA SER A 151 21.20 20.87 3.38
C SER A 151 21.65 21.83 2.29
N MET A 152 22.10 21.25 1.18
CA MET A 152 22.43 22.03 -0.01
C MET A 152 22.25 21.16 -1.24
N MET A 153 22.36 21.79 -2.41
CA MET A 153 22.25 21.06 -3.67
C MET A 153 23.45 21.36 -4.56
N THR A 154 23.85 20.38 -5.36
CA THR A 154 24.98 20.55 -6.27
C THR A 154 24.51 20.44 -7.72
N TYR A 155 24.86 21.42 -8.53
CA TYR A 155 24.48 21.42 -9.94
C TYR A 155 25.69 21.21 -10.84
N LEU A 156 25.56 20.29 -11.79
CA LEU A 156 26.62 20.04 -12.76
C LEU A 156 26.31 20.67 -14.11
N THR A 157 27.12 21.63 -14.52
CA THR A 157 26.92 22.32 -15.79
C THR A 157 27.23 21.39 -16.97
N GLY A 158 26.80 21.79 -18.16
CA GLY A 158 26.98 20.97 -19.34
C GLY A 158 26.00 19.83 -19.38
N ASP A 159 26.19 18.85 -18.49
CA ASP A 159 25.29 17.72 -18.39
C ASP A 159 23.93 18.15 -17.85
N ALA A 160 23.89 19.34 -17.24
CA ALA A 160 22.67 19.92 -16.69
C ALA A 160 22.00 18.98 -15.70
N VAL A 161 22.77 18.47 -14.75
CA VAL A 161 22.27 17.52 -13.77
C VAL A 161 22.25 18.13 -12.37
N LEU A 162 21.06 18.18 -11.77
CA LEU A 162 20.90 18.75 -10.44
C LEU A 162 20.89 17.66 -9.38
N PHE A 163 21.89 17.68 -8.51
CA PHE A 163 21.93 16.77 -7.37
C PHE A 163 21.23 17.42 -6.18
N SER A 164 20.00 16.98 -5.94
CA SER A 164 19.12 17.66 -4.99
C SER A 164 19.07 16.99 -3.62
N ASN A 165 19.82 15.90 -3.47
CA ASN A 165 19.83 15.11 -2.24
C ASN A 165 18.41 14.66 -1.84
N ASP A 166 17.95 15.11 -0.68
CA ASP A 166 16.63 14.70 -0.17
C ASP A 166 15.48 15.29 -0.98
N ALA A 167 15.68 16.52 -1.46
CA ALA A 167 14.66 17.23 -2.22
C ALA A 167 14.26 16.47 -3.48
N PHE A 168 12.95 16.39 -3.72
CA PHE A 168 12.38 15.72 -4.89
C PHE A 168 12.66 14.23 -4.90
N GLY A 169 13.07 13.69 -3.76
CA GLY A 169 13.33 12.27 -3.63
C GLY A 169 12.18 11.55 -2.97
N GLN A 170 12.26 10.22 -2.96
CA GLN A 170 11.24 9.40 -2.30
C GLN A 170 11.81 8.04 -1.95
N HIS A 171 11.26 7.42 -0.91
CA HIS A 171 11.69 6.10 -0.51
C HIS A 171 10.99 5.04 -1.35
N TYR A 172 11.64 4.63 -2.44
CA TYR A 172 11.08 3.67 -3.37
C TYR A 172 12.18 2.88 -4.04
N CYS A 173 12.22 1.58 -3.78
CA CYS A 173 13.31 0.73 -4.26
C CYS A 173 12.93 0.02 -5.55
N ASP A 174 13.78 0.14 -6.55
CA ASP A 174 13.56 -0.49 -7.85
C ASP A 174 14.89 -0.76 -8.54
N GLU A 175 14.94 -1.84 -9.32
CA GLU A 175 16.15 -2.19 -10.05
C GLU A 175 16.47 -1.15 -11.13
N HIS A 176 15.42 -0.60 -11.74
CA HIS A 176 15.59 0.48 -12.70
C HIS A 176 15.80 1.80 -11.98
N LEU A 177 16.63 2.66 -12.55
CA LEU A 177 17.06 3.89 -11.88
C LEU A 177 16.21 5.10 -12.25
N PHE A 178 15.72 5.14 -13.48
CA PHE A 178 15.05 6.33 -13.99
C PHE A 178 13.53 6.30 -13.78
N ASN A 179 12.94 7.49 -13.70
CA ASN A 179 11.52 7.64 -13.36
C ASN A 179 10.57 7.07 -14.42
N ASP A 180 11.02 7.06 -15.66
CA ASP A 180 10.18 6.58 -16.77
C ASP A 180 10.27 5.06 -16.93
N GLU A 181 10.98 4.42 -16.02
CA GLU A 181 11.17 2.97 -16.08
C GLU A 181 10.42 2.26 -14.95
N VAL A 182 9.79 3.03 -14.08
CA VAL A 182 9.12 2.46 -12.91
C VAL A 182 7.61 2.69 -12.96
N ASP A 183 6.90 2.13 -11.97
CA ASP A 183 5.46 2.29 -11.89
C ASP A 183 5.10 3.69 -11.39
N GLN A 184 4.40 4.43 -12.24
CA GLN A 184 4.10 5.83 -11.98
C GLN A 184 3.24 6.05 -10.74
N THR A 185 2.26 5.17 -10.53
CA THR A 185 1.37 5.28 -9.38
C THR A 185 2.13 5.08 -8.07
N GLU A 186 2.90 4.00 -8.01
CA GLU A 186 3.71 3.69 -6.84
C GLU A 186 4.74 4.79 -6.57
N LEU A 187 5.20 5.41 -7.66
CA LEU A 187 6.18 6.50 -7.56
C LEU A 187 5.54 7.76 -6.96
N PHE A 188 4.31 8.05 -7.36
CA PHE A 188 3.61 9.23 -6.87
C PHE A 188 3.24 9.11 -5.39
N GLU A 189 2.80 7.92 -5.00
CA GLU A 189 2.41 7.66 -3.62
C GLU A 189 3.58 7.92 -2.67
N GLN A 190 4.76 7.41 -3.04
CA GLN A 190 5.95 7.55 -2.20
C GLN A 190 6.45 8.99 -2.18
N CYS A 191 6.27 9.70 -3.28
CA CYS A 191 6.65 11.10 -3.37
C CYS A 191 5.77 11.96 -2.45
N GLN A 192 4.47 11.70 -2.47
CA GLN A 192 3.53 12.47 -1.66
C GLN A 192 3.63 12.08 -0.19
N ARG A 193 3.89 10.79 0.05
CA ARG A 193 4.08 10.28 1.41
C ARG A 193 5.30 10.91 2.05
N TYR A 194 6.33 11.13 1.24
CA TYR A 194 7.58 11.72 1.71
C TYR A 194 7.41 13.17 2.15
N TYR A 195 6.82 13.98 1.28
CA TYR A 195 6.62 15.40 1.55
C TYR A 195 5.71 15.62 2.75
N ALA A 196 4.60 14.89 2.80
CA ALA A 196 3.60 15.05 3.85
C ALA A 196 4.17 14.81 5.25
N ASN A 197 5.02 13.80 5.36
CA ASN A 197 5.57 13.41 6.67
C ASN A 197 6.87 14.12 7.04
N ILE A 198 7.54 14.71 6.06
CA ILE A 198 8.85 15.29 6.29
C ILE A 198 8.94 16.78 5.98
N LEU A 199 8.50 17.17 4.79
CA LEU A 199 8.74 18.53 4.29
C LEU A 199 7.60 19.50 4.52
N THR A 200 6.50 19.02 5.10
CA THR A 200 5.35 19.88 5.39
C THR A 200 5.68 21.10 6.28
N PRO A 201 6.44 20.92 7.38
CA PRO A 201 6.69 22.11 8.20
C PRO A 201 7.63 23.13 7.56
N PHE A 202 8.21 22.80 6.40
CA PHE A 202 9.16 23.70 5.75
C PHE A 202 8.60 24.22 4.43
N SER A 203 7.27 24.16 4.29
CA SER A 203 6.61 24.54 3.04
C SER A 203 6.77 26.02 2.71
N ARG A 204 6.85 26.85 3.74
CA ARG A 204 7.00 28.30 3.55
C ARG A 204 8.35 28.63 2.92
N LEU A 205 9.29 27.71 3.06
CA LEU A 205 10.65 27.91 2.54
C LEU A 205 10.83 27.29 1.15
N VAL A 206 9.96 26.34 0.82
CA VAL A 206 10.06 25.61 -0.44
C VAL A 206 9.90 26.50 -1.66
N THR A 207 8.83 27.30 -1.68
CA THR A 207 8.53 28.15 -2.82
C THR A 207 9.60 29.24 -3.09
N PRO A 208 10.06 29.96 -2.05
CA PRO A 208 11.07 30.98 -2.36
C PRO A 208 12.40 30.37 -2.82
N LYS A 209 12.72 29.18 -2.33
CA LYS A 209 13.96 28.51 -2.73
C LYS A 209 13.90 28.07 -4.18
N ILE A 210 12.79 27.47 -4.58
CA ILE A 210 12.59 27.05 -5.96
C ILE A 210 12.59 28.25 -6.89
N THR A 211 11.99 29.35 -6.43
CA THR A 211 11.97 30.58 -7.20
C THR A 211 13.38 31.13 -7.38
N GLU A 212 14.19 31.05 -6.32
CA GLU A 212 15.57 31.51 -6.36
C GLU A 212 16.43 30.68 -7.32
N ILE A 213 16.25 29.36 -7.27
CA ILE A 213 17.01 28.45 -8.12
C ILE A 213 16.64 28.65 -9.59
N LEU A 214 15.35 28.85 -9.86
CA LEU A 214 14.89 29.12 -11.21
C LEU A 214 15.44 30.45 -11.72
N GLY A 215 15.78 31.34 -10.80
CA GLY A 215 16.37 32.62 -11.13
C GLY A 215 17.77 32.51 -11.69
N PHE A 216 18.42 31.36 -11.43
CA PHE A 216 19.77 31.12 -11.91
C PHE A 216 19.79 30.81 -13.41
N ASN A 217 18.61 30.50 -13.95
CA ASN A 217 18.45 30.18 -15.37
C ASN A 217 19.33 29.04 -15.85
N LEU A 218 19.55 28.06 -14.97
CA LEU A 218 20.35 26.89 -15.32
C LEU A 218 19.44 25.77 -15.83
N PRO A 219 19.81 25.18 -16.97
CA PRO A 219 19.03 24.09 -17.57
C PRO A 219 19.06 22.83 -16.70
N VAL A 220 17.96 22.08 -16.70
CA VAL A 220 17.89 20.86 -15.92
C VAL A 220 17.44 19.69 -16.79
N ASP A 221 18.40 18.85 -17.17
CA ASP A 221 18.10 17.66 -17.97
C ASP A 221 17.71 16.50 -17.05
N MET A 222 18.39 16.40 -15.92
CA MET A 222 18.12 15.36 -14.95
C MET A 222 18.16 15.88 -13.52
N ILE A 223 17.35 15.27 -12.65
CA ILE A 223 17.41 15.56 -11.23
C ILE A 223 17.78 14.29 -10.47
N ALA A 224 19.01 14.24 -9.97
CA ALA A 224 19.51 13.07 -9.28
C ALA A 224 19.41 13.24 -7.76
N THR A 225 18.35 12.68 -7.18
CA THR A 225 18.13 12.80 -5.75
C THR A 225 18.98 11.78 -4.99
N SER A 226 18.89 11.79 -3.66
CA SER A 226 19.62 10.84 -2.84
C SER A 226 18.75 9.62 -2.51
N HIS A 227 17.45 9.74 -2.77
CA HIS A 227 16.52 8.64 -2.53
C HIS A 227 15.62 8.40 -3.74
N GLY A 228 15.55 7.15 -4.18
CA GLY A 228 14.62 6.77 -5.23
C GLY A 228 15.13 7.01 -6.63
N VAL A 229 14.19 7.30 -7.54
CA VAL A 229 14.50 7.39 -8.97
C VAL A 229 15.22 8.67 -9.36
N VAL A 230 15.92 8.60 -10.49
CA VAL A 230 16.50 9.78 -11.12
C VAL A 230 15.52 10.31 -12.15
N TRP A 231 15.09 11.56 -11.96
CA TRP A 231 14.14 12.19 -12.88
C TRP A 231 14.84 12.61 -14.17
N ARG A 232 14.56 11.92 -15.26
CA ARG A 232 15.16 12.27 -16.54
C ARG A 232 14.09 12.61 -17.58
N ASP A 233 12.91 12.02 -17.43
CA ASP A 233 11.81 12.27 -18.37
C ASP A 233 10.86 13.30 -17.79
N ASN A 234 10.92 14.52 -18.34
CA ASN A 234 10.20 15.67 -17.79
C ASN A 234 10.47 15.80 -16.29
N PRO A 235 11.74 16.07 -15.93
CA PRO A 235 12.17 16.03 -14.53
C PRO A 235 11.48 17.08 -13.65
N THR A 236 11.08 18.19 -14.26
CA THR A 236 10.49 19.30 -13.51
C THR A 236 9.08 19.00 -13.02
N GLN A 237 8.56 17.82 -13.34
CA GLN A 237 7.22 17.43 -12.92
C GLN A 237 7.14 17.28 -11.40
N ILE A 238 8.25 16.88 -10.80
CA ILE A 238 8.31 16.73 -9.34
C ILE A 238 8.48 18.10 -8.70
N VAL A 239 9.07 19.04 -9.44
CA VAL A 239 9.23 20.41 -8.97
C VAL A 239 7.87 21.09 -8.88
N GLU A 240 7.04 20.87 -9.91
CA GLU A 240 5.71 21.43 -9.96
C GLU A 240 4.83 20.87 -8.85
N LEU A 241 4.99 19.58 -8.56
CA LEU A 241 4.27 18.95 -7.47
C LEU A 241 4.69 19.56 -6.13
N TYR A 242 5.96 19.91 -6.00
CA TYR A 242 6.47 20.52 -4.78
C TYR A 242 5.90 21.92 -4.58
N LEU A 243 5.71 22.64 -5.69
CA LEU A 243 5.12 23.97 -5.64
C LEU A 243 3.66 23.92 -5.18
N LYS A 244 2.93 22.92 -5.67
CA LYS A 244 1.53 22.75 -5.29
C LYS A 244 1.40 22.28 -3.85
N TRP A 245 2.26 21.34 -3.46
CA TRP A 245 2.22 20.77 -2.12
C TRP A 245 2.66 21.79 -1.06
N ALA A 246 3.46 22.77 -1.46
CA ALA A 246 3.96 23.76 -0.52
C ALA A 246 2.91 24.81 -0.17
N ALA A 247 2.04 25.13 -1.13
CA ALA A 247 1.05 26.18 -0.94
C ALA A 247 -0.15 25.73 -0.09
N ASP A 248 0.14 25.23 1.10
CA ASP A 248 -0.89 24.77 2.04
C ASP A 248 -1.89 23.83 1.35
N TYR A 249 -1.35 22.81 0.71
CA TYR A 249 -2.12 21.91 -0.15
C TYR A 249 -3.30 21.26 0.57
N GLN A 250 -4.43 21.21 -0.12
CA GLN A 250 -5.61 20.51 0.39
C GLN A 250 -6.57 20.16 -0.74
N GLU A 251 -7.19 19.00 -0.64
CA GLU A 251 -8.23 18.59 -1.58
C GLU A 251 -9.58 18.65 -0.88
N ASP A 252 -10.66 18.46 -1.63
CA ASP A 252 -11.98 18.36 -1.01
C ASP A 252 -12.07 17.00 -0.33
N ARG A 253 -11.49 16.90 0.86
CA ARG A 253 -11.30 15.62 1.53
C ARG A 253 -11.28 15.80 3.04
N ILE A 254 -11.90 14.86 3.75
CA ILE A 254 -11.94 14.91 5.21
C ILE A 254 -11.41 13.61 5.81
N THR A 255 -10.39 13.73 6.66
CA THR A 255 -9.80 12.55 7.28
C THR A 255 -10.26 12.38 8.72
N ILE A 256 -10.87 11.24 9.01
CA ILE A 256 -11.30 10.94 10.38
C ILE A 256 -10.45 9.84 10.98
N PHE A 257 -9.83 10.12 12.13
CA PHE A 257 -9.10 9.07 12.83
C PHE A 257 -9.34 9.14 14.34
N TYR A 258 -9.21 7.99 15.00
CA TYR A 258 -9.60 7.86 16.39
C TYR A 258 -8.88 6.71 17.07
N ASP A 259 -9.01 6.63 18.39
CA ASP A 259 -8.66 5.43 19.13
C ASP A 259 -9.79 5.09 20.09
N THR A 260 -10.07 3.80 20.24
CA THR A 260 -11.21 3.38 21.04
C THR A 260 -10.88 2.14 21.86
N MET A 261 -11.56 1.98 22.99
CA MET A 261 -11.33 0.85 23.88
C MET A 261 -12.46 -0.18 23.80
N SER A 262 -13.66 0.29 23.51
CA SER A 262 -14.83 -0.57 23.42
C SER A 262 -15.73 -0.19 22.24
N ASN A 263 -15.14 0.44 21.23
CA ASN A 263 -15.77 0.71 19.94
C ASN A 263 -16.85 1.79 19.97
N ASN A 264 -17.08 2.40 21.14
CA ASN A 264 -18.07 3.47 21.25
C ASN A 264 -17.72 4.68 20.38
N THR A 265 -16.45 5.10 20.42
CA THR A 265 -15.99 6.22 19.62
C THR A 265 -15.97 5.85 18.14
N ARG A 266 -15.67 4.60 17.85
CA ARG A 266 -15.71 4.10 16.48
C ARG A 266 -17.10 4.27 15.88
N MET A 267 -18.12 3.89 16.65
CA MET A 267 -19.50 4.06 16.23
C MET A 267 -19.83 5.52 15.93
N MET A 268 -19.23 6.42 16.69
CA MET A 268 -19.41 7.85 16.48
C MET A 268 -18.78 8.30 15.16
N ALA A 269 -17.57 7.81 14.90
CA ALA A 269 -16.84 8.18 13.68
C ALA A 269 -17.57 7.75 12.43
N ASP A 270 -18.13 6.54 12.45
CA ASP A 270 -18.84 6.01 11.29
C ASP A 270 -20.15 6.78 11.06
N ALA A 271 -20.77 7.23 12.15
CA ALA A 271 -22.00 8.00 12.04
C ALA A 271 -21.72 9.41 11.52
N ILE A 272 -20.60 9.98 11.95
CA ILE A 272 -20.17 11.29 11.46
C ILE A 272 -19.89 11.24 9.96
N ALA A 273 -19.13 10.22 9.54
CA ALA A 273 -18.76 10.03 8.15
C ALA A 273 -20.00 9.92 7.25
N GLN A 274 -21.01 9.21 7.71
CA GLN A 274 -22.24 9.05 6.94
C GLN A 274 -22.95 10.38 6.74
N GLY A 275 -22.99 11.18 7.80
CA GLY A 275 -23.61 12.49 7.74
C GLY A 275 -22.94 13.41 6.73
N ILE A 276 -21.62 13.32 6.65
CA ILE A 276 -20.85 14.10 5.69
C ILE A 276 -21.15 13.68 4.25
N ALA A 277 -21.09 12.36 4.01
CA ALA A 277 -21.26 11.80 2.68
C ALA A 277 -22.65 12.08 2.11
N GLU A 278 -23.65 12.14 2.97
CA GLU A 278 -25.02 12.39 2.53
C GLU A 278 -25.36 13.87 2.58
N THR A 279 -24.34 14.69 2.82
CA THR A 279 -24.51 16.14 2.83
C THR A 279 -23.67 16.78 1.73
N ASP A 280 -22.45 16.27 1.57
CA ASP A 280 -21.55 16.74 0.53
C ASP A 280 -20.94 15.58 -0.24
N PRO A 281 -21.49 15.28 -1.43
CA PRO A 281 -21.03 14.17 -2.27
C PRO A 281 -19.65 14.43 -2.88
N ARG A 282 -19.15 15.66 -2.78
CA ARG A 282 -17.87 16.01 -3.37
C ARG A 282 -16.71 15.65 -2.44
N VAL A 283 -17.03 15.40 -1.17
CA VAL A 283 -16.01 15.13 -0.16
C VAL A 283 -15.56 13.68 -0.14
N ALA A 284 -14.26 13.47 -0.24
CA ALA A 284 -13.67 12.14 -0.06
C ALA A 284 -13.40 11.92 1.43
N VAL A 285 -13.88 10.80 1.95
CA VAL A 285 -13.76 10.53 3.39
C VAL A 285 -12.95 9.27 3.69
N LYS A 286 -11.93 9.43 4.52
CA LYS A 286 -11.12 8.30 4.98
C LYS A 286 -11.25 8.12 6.49
N ILE A 287 -11.28 6.88 6.95
CA ILE A 287 -11.39 6.60 8.38
C ILE A 287 -10.28 5.67 8.85
N PHE A 288 -9.64 6.00 9.96
CA PHE A 288 -8.52 5.22 10.48
C PHE A 288 -8.58 5.03 12.00
N ASN A 289 -8.43 3.79 12.45
CA ASN A 289 -8.14 3.54 13.85
C ASN A 289 -6.62 3.60 14.03
N VAL A 290 -6.14 4.57 14.79
CA VAL A 290 -4.70 4.81 14.90
C VAL A 290 -3.96 3.62 15.52
N ALA A 291 -4.68 2.78 16.24
CA ALA A 291 -4.08 1.61 16.86
C ALA A 291 -3.91 0.48 15.86
N ARG A 292 -4.59 0.58 14.73
CA ARG A 292 -4.64 -0.51 13.75
C ARG A 292 -4.29 -0.06 12.33
N SER A 293 -3.83 1.18 12.20
CA SER A 293 -3.56 1.73 10.87
C SER A 293 -2.12 2.21 10.75
N ASP A 294 -1.71 2.48 9.51
CA ASP A 294 -0.40 3.06 9.23
C ASP A 294 -0.42 4.54 9.60
N LYS A 295 0.44 4.93 10.52
CA LYS A 295 0.48 6.31 11.01
C LYS A 295 0.80 7.30 9.90
N ASN A 296 1.69 6.92 9.00
CA ASN A 296 2.12 7.80 7.92
C ASN A 296 1.05 7.93 6.83
N GLU A 297 0.25 6.89 6.66
CA GLU A 297 -0.86 6.93 5.71
C GLU A 297 -1.92 7.89 6.22
N ILE A 298 -2.09 7.92 7.54
CA ILE A 298 -2.99 8.86 8.18
C ILE A 298 -2.51 10.28 7.94
N LEU A 299 -1.23 10.52 8.17
CA LEU A 299 -0.66 11.86 8.03
C LEU A 299 -0.65 12.33 6.57
N THR A 300 -0.54 11.39 5.64
CA THR A 300 -0.59 11.73 4.22
C THR A 300 -1.99 12.21 3.85
N ASN A 301 -3.00 11.60 4.44
CA ASN A 301 -4.38 11.99 4.21
C ASN A 301 -4.71 13.34 4.85
N VAL A 302 -4.16 13.59 6.04
CA VAL A 302 -4.34 14.88 6.71
C VAL A 302 -3.76 15.99 5.83
N PHE A 303 -2.62 15.71 5.21
CA PHE A 303 -1.95 16.65 4.31
C PHE A 303 -2.83 16.99 3.10
N ARG A 304 -3.52 15.97 2.58
CA ARG A 304 -4.40 16.14 1.42
C ARG A 304 -5.78 16.67 1.81
N SER A 305 -6.13 16.56 3.10
CA SER A 305 -7.47 16.91 3.56
C SER A 305 -7.64 18.40 3.83
N LYS A 306 -8.89 18.86 3.73
CA LYS A 306 -9.22 20.24 4.06
C LYS A 306 -9.46 20.38 5.56
N GLY A 307 -9.74 19.25 6.21
CA GLY A 307 -10.01 19.24 7.63
C GLY A 307 -10.10 17.83 8.19
N VAL A 308 -9.90 17.70 9.50
CA VAL A 308 -9.92 16.39 10.13
C VAL A 308 -10.84 16.33 11.35
N LEU A 309 -11.34 15.14 11.66
CA LEU A 309 -12.02 14.91 12.92
C LEU A 309 -11.26 13.86 13.72
N VAL A 310 -10.90 14.20 14.94
CA VAL A 310 -10.12 13.31 15.77
C VAL A 310 -10.95 12.82 16.94
N GLY A 311 -10.95 11.51 17.14
CA GLY A 311 -11.74 10.90 18.20
C GLY A 311 -10.89 10.28 19.29
N THR A 312 -11.37 10.38 20.52
CA THR A 312 -10.72 9.74 21.65
C THR A 312 -11.72 9.48 22.77
N SER A 313 -11.57 8.34 23.45
CA SER A 313 -12.36 8.07 24.63
C SER A 313 -11.63 8.64 25.83
N THR A 314 -12.38 8.97 26.88
CA THR A 314 -11.77 9.48 28.09
C THR A 314 -11.21 8.32 28.91
N MET A 315 -9.89 8.32 29.07
CA MET A 315 -9.20 7.26 29.80
C MET A 315 -8.36 7.88 30.91
N ASN A 316 -8.76 7.62 32.16
CA ASN A 316 -8.08 8.18 33.33
C ASN A 316 -8.01 9.71 33.27
N ASN A 317 -9.16 10.33 32.98
CA ASN A 317 -9.30 11.78 32.89
C ASN A 317 -8.49 12.44 31.78
N VAL A 318 -7.76 11.64 30.99
CA VAL A 318 -7.04 12.16 29.84
C VAL A 318 -7.41 11.39 28.59
N MET A 319 -6.79 11.75 27.46
CA MET A 319 -7.08 11.10 26.19
C MET A 319 -6.22 9.84 26.03
N MET A 320 -6.53 9.05 25.01
CA MET A 320 -5.77 7.86 24.70
C MET A 320 -4.40 8.26 24.12
N PRO A 321 -3.33 7.61 24.60
CA PRO A 321 -1.92 7.91 24.30
C PRO A 321 -1.59 8.02 22.81
N LYS A 322 -2.08 7.09 21.99
CA LYS A 322 -1.78 7.12 20.56
C LYS A 322 -2.30 8.39 19.91
N ILE A 323 -3.47 8.84 20.36
CA ILE A 323 -4.06 10.08 19.87
C ILE A 323 -3.20 11.27 20.29
N ALA A 324 -2.83 11.29 21.58
CA ALA A 324 -1.96 12.34 22.11
C ALA A 324 -0.62 12.36 21.40
N GLY A 325 -0.08 11.18 21.14
CA GLY A 325 1.19 11.06 20.43
C GLY A 325 1.11 11.60 19.01
N LEU A 326 0.03 11.25 18.31
CA LEU A 326 -0.16 11.67 16.93
C LEU A 326 -0.37 13.17 16.82
N VAL A 327 -1.16 13.72 17.75
CA VAL A 327 -1.41 15.15 17.80
C VAL A 327 -0.12 15.92 18.05
N GLU A 328 0.71 15.39 18.93
CA GLU A 328 2.02 15.98 19.21
C GLU A 328 2.85 16.10 17.95
N GLU A 329 2.87 15.04 17.15
CA GLU A 329 3.63 15.02 15.90
C GLU A 329 3.08 16.04 14.90
N MET A 330 1.76 16.15 14.85
CA MET A 330 1.10 17.12 13.97
C MET A 330 1.43 18.55 14.38
N THR A 331 1.68 18.75 15.67
CA THR A 331 2.07 20.06 16.19
C THR A 331 3.44 20.45 15.61
N GLY A 332 4.24 19.44 15.28
CA GLY A 332 5.54 19.68 14.68
C GLY A 332 5.47 19.82 13.16
N LEU A 333 4.51 19.14 12.55
CA LEU A 333 4.35 19.18 11.10
C LEU A 333 3.76 20.51 10.62
N ARG A 334 3.03 21.17 11.51
CA ARG A 334 2.48 22.50 11.26
C ARG A 334 1.66 22.59 9.98
N PHE A 335 0.58 21.81 9.92
CA PHE A 335 -0.35 21.88 8.80
C PHE A 335 -1.06 23.23 8.80
N ARG A 336 -1.33 23.76 7.61
CA ARG A 336 -1.88 25.10 7.51
C ARG A 336 -3.21 25.13 6.74
N ASN A 337 -4.05 26.11 7.08
CA ASN A 337 -5.35 26.31 6.45
C ASN A 337 -6.22 25.08 6.51
N LYS A 338 -6.18 24.38 7.64
CA LYS A 338 -7.03 23.21 7.85
C LYS A 338 -7.92 23.41 9.07
N ARG A 339 -9.07 22.75 9.08
CA ARG A 339 -10.02 22.86 10.17
C ARG A 339 -10.07 21.54 10.93
N ALA A 340 -10.62 21.56 12.15
CA ALA A 340 -10.72 20.35 12.94
C ALA A 340 -11.88 20.36 13.92
N SER A 341 -12.34 19.16 14.27
CA SER A 341 -13.39 18.96 15.26
C SER A 341 -13.08 17.73 16.09
N ALA A 342 -13.07 17.89 17.41
CA ALA A 342 -12.79 16.77 18.30
C ALA A 342 -14.09 16.07 18.70
N PHE A 343 -14.02 14.75 18.87
CA PHE A 343 -15.17 13.98 19.32
C PHE A 343 -14.74 12.77 20.15
N GLY A 344 -15.70 12.10 20.76
CA GLY A 344 -15.39 10.91 21.54
C GLY A 344 -16.41 10.55 22.61
N SER A 345 -16.32 9.31 23.08
CA SER A 345 -17.21 8.82 24.12
C SER A 345 -16.58 8.91 25.51
N HIS A 346 -17.43 9.00 26.53
CA HIS A 346 -16.95 9.02 27.91
C HIS A 346 -17.87 8.18 28.80
N GLY A 347 -17.40 7.89 30.01
CA GLY A 347 -18.17 7.10 30.95
C GLY A 347 -18.95 7.93 31.94
N TRP A 348 -18.28 8.89 32.57
CA TRP A 348 -18.94 9.74 33.55
C TRP A 348 -18.59 11.21 33.37
N SER A 349 -17.47 11.64 33.93
CA SER A 349 -17.09 13.05 33.91
C SER A 349 -16.45 13.47 32.59
N GLY A 350 -15.79 12.54 31.91
CA GLY A 350 -15.15 12.81 30.64
C GLY A 350 -13.99 13.79 30.75
N GLY A 351 -13.80 14.60 29.71
CA GLY A 351 -12.78 15.62 29.72
C GLY A 351 -11.73 15.49 28.63
N ALA A 352 -11.66 14.33 27.99
CA ALA A 352 -10.63 14.07 26.99
C ALA A 352 -10.91 14.74 25.65
N VAL A 353 -12.18 15.03 25.38
CA VAL A 353 -12.56 15.65 24.12
C VAL A 353 -12.18 17.13 24.09
N ASP A 354 -12.41 17.83 25.20
CA ASP A 354 -12.01 19.22 25.32
C ASP A 354 -10.48 19.33 25.34
N ARG A 355 -9.86 18.40 26.05
CA ARG A 355 -8.40 18.30 26.12
C ARG A 355 -7.80 18.11 24.73
N LEU A 356 -8.47 17.32 23.90
CA LEU A 356 -8.03 17.05 22.54
C LEU A 356 -8.24 18.25 21.63
N SER A 357 -9.41 18.87 21.75
CA SER A 357 -9.76 20.03 20.92
C SER A 357 -8.77 21.16 21.14
N THR A 358 -8.31 21.31 22.38
CA THR A 358 -7.36 22.36 22.72
C THR A 358 -6.00 22.10 22.07
N ARG A 359 -5.55 20.86 22.11
CA ARG A 359 -4.24 20.51 21.57
C ARG A 359 -4.24 20.54 20.04
N LEU A 360 -5.38 20.26 19.43
CA LEU A 360 -5.53 20.41 17.99
C LEU A 360 -5.38 21.88 17.60
N GLN A 361 -5.96 22.75 18.42
CA GLN A 361 -5.83 24.19 18.21
C GLN A 361 -4.38 24.61 18.36
N ASP A 362 -3.68 24.00 19.32
CA ASP A 362 -2.27 24.24 19.52
C ASP A 362 -1.46 23.78 18.31
N ALA A 363 -1.97 22.79 17.60
CA ALA A 363 -1.31 22.25 16.43
C ALA A 363 -1.57 23.10 15.19
N GLY A 364 -2.46 24.09 15.33
CA GLY A 364 -2.73 25.02 14.25
C GLY A 364 -4.02 24.82 13.50
N PHE A 365 -4.82 23.84 13.93
CA PHE A 365 -6.12 23.59 13.30
C PHE A 365 -7.17 24.59 13.76
N GLU A 366 -7.99 25.08 12.83
CA GLU A 366 -9.11 25.95 13.17
C GLU A 366 -10.26 25.09 13.72
N MET A 367 -10.53 25.24 15.01
CA MET A 367 -11.42 24.31 15.70
C MET A 367 -12.90 24.63 15.58
N SER A 368 -13.67 23.63 15.16
CA SER A 368 -15.13 23.70 15.20
C SER A 368 -15.63 23.07 16.49
N LEU A 369 -16.94 23.11 16.71
CA LEU A 369 -17.53 22.59 17.94
C LEU A 369 -17.26 21.09 18.11
N SER A 370 -17.18 20.66 19.37
CA SER A 370 -16.92 19.26 19.68
C SER A 370 -18.20 18.44 19.73
N LEU A 371 -18.05 17.11 19.62
CA LEU A 371 -19.18 16.20 19.71
C LEU A 371 -18.92 15.16 20.80
N LYS A 372 -19.80 15.11 21.79
CA LYS A 372 -19.63 14.20 22.91
C LYS A 372 -20.82 13.26 23.07
N ALA A 373 -20.52 12.01 23.45
CA ALA A 373 -21.56 11.02 23.70
C ALA A 373 -21.19 10.17 24.91
N LYS A 374 -22.21 9.70 25.63
CA LYS A 374 -22.00 8.91 26.83
C LYS A 374 -22.16 7.42 26.53
N TRP A 375 -21.16 6.63 26.93
CA TRP A 375 -21.14 5.18 26.69
C TRP A 375 -21.35 4.85 25.20
N ARG A 376 -22.15 3.81 24.95
CA ARG A 376 -22.44 3.40 23.59
C ARG A 376 -23.63 4.18 23.03
N PRO A 377 -23.44 4.83 21.87
CA PRO A 377 -24.51 5.63 21.25
C PRO A 377 -25.69 4.77 20.81
N ASP A 378 -26.90 5.11 21.26
CA ASP A 378 -28.10 4.46 20.76
C ASP A 378 -28.53 5.13 19.46
N GLN A 379 -29.75 4.81 19.00
CA GLN A 379 -30.24 5.35 17.74
C GLN A 379 -30.34 6.86 17.77
N ASP A 380 -30.79 7.41 18.89
CA ASP A 380 -30.92 8.85 19.04
C ASP A 380 -29.56 9.54 19.04
N ALA A 381 -28.61 8.96 19.76
CA ALA A 381 -27.26 9.51 19.83
C ALA A 381 -26.55 9.44 18.48
N LEU A 382 -26.81 8.38 17.73
CA LEU A 382 -26.20 8.20 16.41
C LEU A 382 -26.75 9.22 15.41
N LYS A 383 -27.95 9.72 15.68
CA LYS A 383 -28.53 10.78 14.85
C LYS A 383 -27.77 12.08 15.08
N LEU A 384 -27.46 12.38 16.34
CA LEU A 384 -26.69 13.56 16.70
C LEU A 384 -25.31 13.53 16.06
N CYS A 385 -24.70 12.35 16.03
CA CYS A 385 -23.41 12.18 15.38
C CYS A 385 -23.52 12.37 13.88
N ARG A 386 -24.61 11.86 13.31
CA ARG A 386 -24.89 12.04 11.88
C ARG A 386 -25.14 13.52 11.57
N GLU A 387 -25.80 14.20 12.49
CA GLU A 387 -26.09 15.62 12.32
C GLU A 387 -24.84 16.46 12.47
N HIS A 388 -23.94 16.02 13.36
CA HIS A 388 -22.67 16.70 13.53
C HIS A 388 -21.88 16.68 12.22
N GLY A 389 -21.89 15.53 11.56
CA GLY A 389 -21.25 15.40 10.26
C GLY A 389 -21.87 16.32 9.23
N ARG A 390 -23.19 16.49 9.31
CA ARG A 390 -23.90 17.38 8.42
C ARG A 390 -23.46 18.83 8.61
N GLU A 391 -23.36 19.25 9.87
CA GLU A 391 -22.95 20.61 10.20
C GLU A 391 -21.50 20.85 9.80
N ILE A 392 -20.66 19.85 9.97
CA ILE A 392 -19.26 19.92 9.54
C ILE A 392 -19.16 20.03 8.03
N ALA A 393 -19.95 19.22 7.33
CA ALA A 393 -19.95 19.20 5.87
C ALA A 393 -20.40 20.53 5.29
N ARG A 394 -21.32 21.21 5.97
CA ARG A 394 -21.81 22.51 5.52
C ARG A 394 -20.84 23.63 5.87
N GLN A 395 -20.19 23.52 7.03
CA GLN A 395 -19.24 24.52 7.47
C GLN A 395 -17.95 24.50 6.64
N TRP A 396 -17.52 23.30 6.24
CA TRP A 396 -16.22 23.13 5.58
C TRP A 396 -16.35 23.04 4.07
N ALA A 397 -17.56 23.30 3.56
CA ALA A 397 -17.82 23.22 2.13
C ALA A 397 -17.00 24.26 1.36
N LEU A 398 -16.25 23.80 0.37
CA LEU A 398 -15.42 24.69 -0.44
C LEU A 398 -16.28 25.54 -1.36
N ALA A 399 -17.27 24.91 -2.00
CA ALA A 399 -18.20 25.64 -2.84
C ALA A 399 -19.62 25.50 -2.28
N PRO A 400 -20.49 26.47 -2.59
CA PRO A 400 -21.87 26.41 -2.11
C PRO A 400 -22.65 25.22 -2.68
N LEU A 401 -23.68 24.80 -1.93
CA LEU A 401 -24.53 23.66 -2.28
C LEU A 401 -25.49 23.37 -1.13
N SER B 2 -29.38 3.09 4.70
CA SER B 2 -29.33 2.30 3.47
C SER B 2 -29.05 3.18 2.25
N ILE B 3 -28.51 2.58 1.20
CA ILE B 3 -28.19 3.30 -0.01
C ILE B 3 -28.88 2.68 -1.22
N VAL B 4 -29.54 3.51 -2.03
CA VAL B 4 -30.24 3.04 -3.22
C VAL B 4 -29.27 2.59 -4.30
N VAL B 5 -29.28 1.30 -4.60
CA VAL B 5 -28.45 0.74 -5.67
C VAL B 5 -29.06 1.04 -7.03
N LYS B 6 -30.32 0.65 -7.20
CA LYS B 6 -31.07 0.88 -8.43
C LYS B 6 -32.54 0.61 -8.20
N ASN B 7 -33.38 1.61 -8.48
CA ASN B 7 -34.83 1.51 -8.29
C ASN B 7 -35.21 1.09 -6.86
N ASN B 8 -35.61 -0.17 -6.71
CA ASN B 8 -36.03 -0.67 -5.41
C ASN B 8 -34.99 -1.55 -4.74
N ILE B 9 -33.77 -1.54 -5.28
CA ILE B 9 -32.67 -2.28 -4.67
C ILE B 9 -31.93 -1.39 -3.68
N HIS B 10 -31.89 -1.82 -2.42
CA HIS B 10 -31.26 -1.02 -1.37
C HIS B 10 -30.11 -1.77 -0.72
N TRP B 11 -28.95 -1.12 -0.66
CA TRP B 11 -27.79 -1.69 0.02
C TRP B 11 -27.95 -1.52 1.54
N VAL B 12 -28.02 -2.65 2.24
CA VAL B 12 -28.21 -2.63 3.69
C VAL B 12 -27.08 -3.35 4.40
N GLY B 13 -25.88 -3.29 3.82
CA GLY B 13 -24.74 -4.00 4.36
C GLY B 13 -23.99 -3.23 5.42
N GLN B 14 -22.72 -3.56 5.60
CA GLN B 14 -21.90 -2.95 6.64
C GLN B 14 -20.48 -2.68 6.16
N ARG B 15 -20.03 -1.44 6.33
CA ARG B 15 -18.65 -1.09 6.03
C ARG B 15 -17.74 -1.43 7.20
N ASP B 16 -16.54 -1.90 6.89
CA ASP B 16 -15.56 -2.23 7.92
C ASP B 16 -14.24 -1.52 7.67
N TRP B 17 -14.10 -0.33 8.23
CA TRP B 17 -12.90 0.47 8.04
C TRP B 17 -11.70 -0.09 8.79
N GLU B 18 -11.96 -0.73 9.93
CA GLU B 18 -10.89 -1.17 10.83
C GLU B 18 -10.27 -2.51 10.47
N VAL B 19 -11.02 -3.39 9.81
CA VAL B 19 -10.59 -4.77 9.61
C VAL B 19 -9.25 -4.87 8.86
N ARG B 20 -8.33 -5.67 9.42
CA ARG B 20 -6.99 -5.82 8.87
C ARG B 20 -6.62 -7.29 8.66
N ASP B 21 -7.44 -8.21 9.14
CA ASP B 21 -7.15 -9.64 9.03
C ASP B 21 -8.35 -10.48 8.59
N PHE B 22 -8.15 -11.27 7.55
CA PHE B 22 -9.17 -12.18 7.07
C PHE B 22 -8.63 -13.61 6.97
N HIS B 23 -9.52 -14.59 7.12
CA HIS B 23 -9.14 -16.00 7.14
C HIS B 23 -8.04 -16.23 8.17
N GLY B 24 -8.28 -15.78 9.40
CA GLY B 24 -7.26 -15.76 10.42
C GLY B 24 -6.38 -14.54 10.19
N THR B 25 -5.10 -14.78 9.90
CA THR B 25 -4.19 -13.72 9.52
C THR B 25 -3.57 -14.01 8.16
N GLU B 26 -4.30 -14.76 7.33
CA GLU B 26 -3.79 -15.20 6.05
C GLU B 26 -4.10 -14.22 4.92
N TYR B 27 -5.04 -13.32 5.15
CA TYR B 27 -5.33 -12.28 4.18
C TYR B 27 -5.40 -10.92 4.87
N LYS B 28 -4.36 -10.12 4.68
CA LYS B 28 -4.31 -8.78 5.26
C LYS B 28 -5.12 -7.80 4.42
N THR B 29 -6.13 -7.19 5.03
CA THR B 29 -6.93 -6.18 4.33
C THR B 29 -6.44 -4.79 4.72
N LEU B 30 -5.49 -4.26 3.94
CA LEU B 30 -4.84 -3.00 4.25
C LEU B 30 -5.74 -1.79 4.03
N ARG B 31 -6.81 -1.98 3.25
CA ARG B 31 -7.74 -0.90 2.99
C ARG B 31 -9.15 -1.26 3.45
N GLY B 32 -9.22 -2.10 4.49
CA GLY B 32 -10.50 -2.50 5.05
C GLY B 32 -11.34 -3.30 4.06
N SER B 33 -12.62 -3.41 4.37
CA SER B 33 -13.55 -4.13 3.50
C SER B 33 -14.99 -3.74 3.79
N SER B 34 -15.91 -4.37 3.08
CA SER B 34 -17.33 -4.17 3.32
C SER B 34 -18.07 -5.50 3.15
N TYR B 35 -19.20 -5.63 3.83
CA TYR B 35 -20.03 -6.82 3.71
C TYR B 35 -21.39 -6.41 3.16
N ASN B 36 -21.57 -6.61 1.86
CA ASN B 36 -22.73 -6.07 1.16
C ASN B 36 -23.95 -6.97 1.23
N SER B 37 -25.01 -6.43 1.83
CA SER B 37 -26.32 -7.08 1.82
C SER B 37 -27.30 -6.21 1.04
N TYR B 38 -28.27 -6.83 0.38
CA TYR B 38 -29.18 -6.09 -0.48
C TYR B 38 -30.65 -6.44 -0.21
N LEU B 39 -31.48 -5.40 -0.09
CA LEU B 39 -32.90 -5.57 0.13
C LEU B 39 -33.70 -5.12 -1.09
N ILE B 40 -34.34 -6.07 -1.76
CA ILE B 40 -35.16 -5.77 -2.93
C ILE B 40 -36.62 -5.70 -2.54
N ARG B 41 -37.26 -4.58 -2.85
CA ARG B 41 -38.63 -4.35 -2.42
C ARG B 41 -39.59 -4.09 -3.59
N GLU B 42 -40.13 -5.17 -4.14
CA GLU B 42 -41.16 -5.08 -5.17
C GLU B 42 -42.51 -5.45 -4.56
N GLU B 43 -43.22 -6.38 -5.18
CA GLU B 43 -44.41 -6.95 -4.58
C GLU B 43 -43.99 -7.88 -3.45
N LYS B 44 -42.86 -8.55 -3.66
CA LYS B 44 -42.25 -9.37 -2.62
C LYS B 44 -40.98 -8.69 -2.10
N ASN B 45 -40.67 -8.90 -0.82
CA ASN B 45 -39.46 -8.34 -0.25
C ASN B 45 -38.41 -9.42 -0.04
N VAL B 46 -37.26 -9.24 -0.69
CA VAL B 46 -36.21 -10.26 -0.69
C VAL B 46 -34.89 -9.72 -0.14
N LEU B 47 -34.35 -10.43 0.84
CA LEU B 47 -33.05 -10.09 1.40
C LEU B 47 -31.96 -11.01 0.85
N ILE B 48 -30.90 -10.41 0.32
CA ILE B 48 -29.81 -11.18 -0.26
C ILE B 48 -28.54 -11.10 0.60
N ASP B 49 -28.20 -12.23 1.22
CA ASP B 49 -27.05 -12.35 2.12
C ASP B 49 -27.15 -11.42 3.34
N THR B 50 -26.27 -11.64 4.31
CA THR B 50 -26.23 -10.78 5.49
C THR B 50 -24.84 -10.18 5.65
N VAL B 51 -24.39 -10.05 6.90
CA VAL B 51 -23.07 -9.50 7.18
C VAL B 51 -22.33 -10.38 8.17
N LYS B 52 -21.12 -9.95 8.55
CA LYS B 52 -20.33 -10.68 9.52
C LYS B 52 -21.03 -10.66 10.88
N HIS B 53 -20.79 -11.69 11.68
CA HIS B 53 -21.52 -11.88 12.94
C HIS B 53 -21.30 -10.76 13.95
N LYS B 54 -20.10 -10.16 13.95
CA LYS B 54 -19.79 -9.13 14.92
C LYS B 54 -20.55 -7.83 14.63
N PHE B 55 -21.15 -7.75 13.45
CA PHE B 55 -21.97 -6.59 13.08
C PHE B 55 -23.44 -6.98 12.95
N SER B 56 -23.82 -8.08 13.57
CA SER B 56 -25.19 -8.60 13.49
C SER B 56 -26.18 -7.68 14.20
N ARG B 57 -25.77 -7.12 15.34
CA ARG B 57 -26.62 -6.23 16.12
C ARG B 57 -27.04 -5.02 15.29
N GLU B 58 -26.06 -4.42 14.60
CA GLU B 58 -26.31 -3.25 13.77
C GLU B 58 -27.08 -3.61 12.50
N PHE B 59 -26.85 -4.81 11.98
CA PHE B 59 -27.48 -5.25 10.75
C PHE B 59 -28.99 -5.37 10.90
N VAL B 60 -29.43 -6.04 11.97
CA VAL B 60 -30.84 -6.24 12.24
C VAL B 60 -31.52 -4.90 12.55
N GLN B 61 -30.86 -4.08 13.35
CA GLN B 61 -31.40 -2.77 13.71
C GLN B 61 -31.57 -1.87 12.49
N ASN B 62 -30.54 -1.81 11.66
CA ASN B 62 -30.60 -1.04 10.42
C ASN B 62 -31.65 -1.60 9.46
N LEU B 63 -31.85 -2.91 9.52
CA LEU B 63 -32.83 -3.57 8.66
C LEU B 63 -34.26 -3.23 9.12
N ARG B 64 -34.44 -3.11 10.44
CA ARG B 64 -35.71 -2.69 11.01
C ARG B 64 -36.08 -1.28 10.57
N ASN B 65 -35.07 -0.42 10.48
CA ASN B 65 -35.29 0.98 10.10
C ASN B 65 -35.68 1.15 8.65
N GLU B 66 -35.52 0.09 7.87
CA GLU B 66 -35.83 0.14 6.44
C GLU B 66 -37.13 -0.59 6.12
N ILE B 67 -37.44 -1.61 6.93
CA ILE B 67 -38.62 -2.44 6.70
C ILE B 67 -38.94 -3.26 7.95
N ASP B 68 -40.21 -3.56 8.15
CA ASP B 68 -40.62 -4.48 9.20
C ASP B 68 -40.16 -5.88 8.82
N LEU B 69 -39.53 -6.58 9.76
CA LEU B 69 -38.93 -7.88 9.50
C LEU B 69 -39.96 -8.92 9.05
N ALA B 70 -41.19 -8.75 9.50
CA ALA B 70 -42.27 -9.67 9.13
C ALA B 70 -42.64 -9.51 7.66
N ASP B 71 -42.34 -8.34 7.10
CA ASP B 71 -42.67 -8.06 5.71
C ASP B 71 -41.63 -8.62 4.75
N ILE B 72 -40.55 -9.18 5.30
CA ILE B 72 -39.54 -9.85 4.47
C ILE B 72 -40.04 -11.23 4.06
N ASP B 73 -40.21 -11.42 2.76
CA ASP B 73 -40.76 -12.66 2.22
C ASP B 73 -39.70 -13.75 2.06
N TYR B 74 -38.64 -13.45 1.33
CA TYR B 74 -37.61 -14.44 1.05
C TYR B 74 -36.22 -13.98 1.46
N ILE B 75 -35.39 -14.95 1.84
CA ILE B 75 -33.99 -14.70 2.16
C ILE B 75 -33.11 -15.53 1.24
N VAL B 76 -32.20 -14.85 0.53
CA VAL B 76 -31.28 -15.55 -0.36
C VAL B 76 -29.87 -15.59 0.23
N ILE B 77 -29.30 -16.80 0.28
CA ILE B 77 -27.92 -16.97 0.72
C ILE B 77 -27.07 -17.52 -0.42
N ASN B 78 -26.29 -16.66 -1.05
CA ASN B 78 -25.44 -17.07 -2.16
C ASN B 78 -24.22 -17.84 -1.68
N HIS B 79 -23.89 -17.67 -0.39
CA HIS B 79 -22.62 -18.13 0.15
C HIS B 79 -22.68 -18.07 1.66
N ALA B 80 -22.28 -19.16 2.32
CA ALA B 80 -22.49 -19.29 3.77
C ALA B 80 -21.24 -19.05 4.61
N GLU B 81 -20.24 -18.37 4.05
CA GLU B 81 -19.07 -18.01 4.83
C GLU B 81 -19.45 -16.95 5.86
N GLU B 82 -18.77 -16.98 7.01
CA GLU B 82 -19.15 -16.20 8.18
C GLU B 82 -19.31 -14.69 7.95
N ASP B 83 -18.72 -14.19 6.87
CA ASP B 83 -18.78 -12.76 6.57
C ASP B 83 -20.02 -12.39 5.76
N HIS B 84 -20.76 -13.40 5.32
CA HIS B 84 -21.95 -13.16 4.51
C HIS B 84 -23.20 -13.76 5.15
N ALA B 85 -23.01 -14.73 6.02
CA ALA B 85 -24.13 -15.38 6.69
C ALA B 85 -23.96 -15.40 8.19
N GLY B 86 -23.12 -14.51 8.71
CA GLY B 86 -22.82 -14.48 10.13
C GLY B 86 -23.96 -13.96 10.98
N ALA B 87 -24.79 -13.09 10.39
CA ALA B 87 -25.90 -12.48 11.12
C ALA B 87 -27.20 -13.26 10.90
N LEU B 88 -27.08 -14.45 10.33
CA LEU B 88 -28.26 -15.23 9.97
C LEU B 88 -29.05 -15.70 11.19
N THR B 89 -28.35 -16.28 12.16
CA THR B 89 -29.00 -16.78 13.37
C THR B 89 -29.72 -15.67 14.12
N GLU B 90 -29.06 -14.52 14.24
CA GLU B 90 -29.63 -13.36 14.90
C GLU B 90 -30.92 -12.89 14.21
N LEU B 91 -30.91 -12.95 12.89
CA LEU B 91 -32.06 -12.53 12.09
C LEU B 91 -33.20 -13.55 12.13
N MET B 92 -32.85 -14.83 12.00
CA MET B 92 -33.84 -15.89 11.99
C MET B 92 -34.50 -16.07 13.36
N ALA B 93 -33.89 -15.50 14.39
CA ALA B 93 -34.48 -15.55 15.74
C ALA B 93 -35.74 -14.70 15.80
N GLN B 94 -35.79 -13.67 14.96
CA GLN B 94 -36.95 -12.77 14.91
C GLN B 94 -37.98 -13.25 13.91
N ILE B 95 -37.52 -13.89 12.84
CA ILE B 95 -38.42 -14.37 11.79
C ILE B 95 -38.07 -15.80 11.36
N PRO B 96 -38.33 -16.78 12.24
CA PRO B 96 -37.94 -18.18 12.02
C PRO B 96 -38.65 -18.87 10.87
N ASP B 97 -39.81 -18.36 10.47
CA ASP B 97 -40.59 -19.01 9.42
C ASP B 97 -40.21 -18.56 8.01
N THR B 98 -39.33 -17.57 7.93
CA THR B 98 -38.92 -17.02 6.63
C THR B 98 -38.11 -18.04 5.83
N PRO B 99 -38.54 -18.31 4.58
CA PRO B 99 -37.86 -19.24 3.67
C PRO B 99 -36.46 -18.78 3.30
N ILE B 100 -35.52 -19.73 3.22
CA ILE B 100 -34.16 -19.43 2.80
C ILE B 100 -33.84 -20.12 1.47
N TYR B 101 -33.53 -19.33 0.46
CA TYR B 101 -33.19 -19.88 -0.86
C TYR B 101 -31.69 -19.97 -1.06
N CYS B 102 -31.22 -21.18 -1.35
CA CYS B 102 -29.80 -21.46 -1.48
C CYS B 102 -29.56 -22.80 -2.15
N THR B 103 -28.30 -23.11 -2.42
CA THR B 103 -27.94 -24.37 -3.06
C THR B 103 -28.05 -25.53 -2.07
N ALA B 104 -27.95 -26.75 -2.58
CA ALA B 104 -28.01 -27.94 -1.74
C ALA B 104 -26.80 -28.03 -0.83
N ASN B 105 -25.64 -27.61 -1.35
CA ASN B 105 -24.41 -27.59 -0.56
C ASN B 105 -24.44 -26.51 0.51
N ALA B 106 -25.29 -25.52 0.32
CA ALA B 106 -25.40 -24.41 1.26
C ALA B 106 -26.10 -24.83 2.54
N ILE B 107 -27.02 -25.78 2.42
CA ILE B 107 -27.72 -26.31 3.59
C ILE B 107 -26.71 -26.97 4.53
N ASP B 108 -25.73 -27.64 3.95
CA ASP B 108 -24.67 -28.29 4.73
C ASP B 108 -23.77 -27.25 5.41
N SER B 109 -23.45 -26.18 4.70
CA SER B 109 -22.56 -25.15 5.22
C SER B 109 -23.24 -24.25 6.24
N ILE B 110 -24.49 -23.86 5.97
CA ILE B 110 -25.24 -23.03 6.90
C ILE B 110 -25.47 -23.76 8.22
N ASN B 111 -25.97 -24.99 8.14
CA ASN B 111 -26.18 -25.82 9.33
C ASN B 111 -24.87 -26.12 10.04
N GLY B 112 -23.79 -26.25 9.29
CA GLY B 112 -22.48 -26.50 9.85
C GLY B 112 -22.03 -25.39 10.77
N HIS B 113 -22.42 -24.17 10.45
CA HIS B 113 -22.06 -23.00 11.26
C HIS B 113 -23.10 -22.68 12.33
N HIS B 114 -24.37 -22.71 11.93
CA HIS B 114 -25.45 -22.18 12.76
C HIS B 114 -26.19 -23.23 13.59
N HIS B 115 -26.20 -24.47 13.11
CA HIS B 115 -26.83 -25.59 13.81
C HIS B 115 -28.32 -25.37 14.04
N HIS B 116 -29.00 -24.79 13.06
CA HIS B 116 -30.45 -24.65 13.09
C HIS B 116 -31.07 -25.27 11.84
N PRO B 117 -31.07 -26.61 11.74
CA PRO B 117 -31.59 -27.28 10.55
C PRO B 117 -33.10 -27.18 10.41
N GLU B 118 -33.77 -26.69 11.46
CA GLU B 118 -35.23 -26.57 11.43
C GLU B 118 -35.69 -25.42 10.54
N TRP B 119 -34.75 -24.57 10.13
CA TRP B 119 -35.04 -23.49 9.22
C TRP B 119 -35.61 -24.01 7.90
N ASN B 120 -36.40 -23.18 7.23
CA ASN B 120 -37.05 -23.58 5.99
C ASN B 120 -36.18 -23.32 4.77
N PHE B 121 -35.37 -24.32 4.41
CA PHE B 121 -34.47 -24.20 3.26
C PHE B 121 -35.15 -24.58 1.95
N ASN B 122 -34.79 -23.89 0.88
CA ASN B 122 -35.26 -24.21 -0.45
C ASN B 122 -34.10 -24.41 -1.43
N VAL B 123 -33.83 -25.67 -1.77
CA VAL B 123 -32.75 -26.00 -2.68
C VAL B 123 -33.01 -25.41 -4.07
N VAL B 124 -32.09 -24.58 -4.53
CA VAL B 124 -32.18 -24.02 -5.87
C VAL B 124 -31.03 -24.53 -6.73
N LYS B 125 -31.27 -24.67 -8.02
CA LYS B 125 -30.23 -25.05 -8.97
C LYS B 125 -30.25 -24.09 -10.16
N THR B 126 -29.24 -24.19 -11.02
CA THR B 126 -29.09 -23.28 -12.15
C THR B 126 -30.31 -23.28 -13.05
N GLY B 127 -30.92 -22.11 -13.22
CA GLY B 127 -32.09 -21.97 -14.06
C GLY B 127 -33.37 -21.73 -13.28
N ASP B 128 -33.36 -22.11 -12.01
CA ASP B 128 -34.52 -21.91 -11.14
C ASP B 128 -34.85 -20.44 -10.98
N THR B 129 -36.14 -20.13 -10.90
CA THR B 129 -36.59 -18.75 -10.78
C THR B 129 -37.36 -18.50 -9.50
N LEU B 130 -37.47 -17.23 -9.13
CA LEU B 130 -38.26 -16.82 -7.97
C LEU B 130 -38.92 -15.48 -8.25
N ASP B 131 -40.22 -15.52 -8.51
CA ASP B 131 -40.98 -14.32 -8.85
C ASP B 131 -41.12 -13.39 -7.64
N ILE B 132 -40.91 -12.11 -7.86
CA ILE B 132 -41.03 -11.12 -6.78
C ILE B 132 -42.05 -10.03 -7.13
N GLY B 133 -42.68 -10.15 -8.29
CA GLY B 133 -43.71 -9.22 -8.70
C GLY B 133 -43.24 -8.13 -9.65
N ASN B 134 -44.20 -7.39 -10.20
CA ASN B 134 -43.92 -6.28 -11.13
C ASN B 134 -43.11 -6.72 -12.36
N GLY B 135 -43.31 -7.96 -12.79
CA GLY B 135 -42.66 -8.46 -13.98
C GLY B 135 -41.20 -8.84 -13.79
N LYS B 136 -40.73 -8.77 -12.54
CA LYS B 136 -39.35 -9.10 -12.23
C LYS B 136 -39.23 -10.44 -11.52
N GLN B 137 -38.08 -11.09 -11.67
CA GLN B 137 -37.83 -12.37 -11.01
C GLN B 137 -36.34 -12.59 -10.77
N LEU B 138 -36.03 -13.44 -9.80
CA LEU B 138 -34.66 -13.80 -9.49
C LEU B 138 -34.26 -15.09 -10.20
N ILE B 139 -33.11 -15.07 -10.87
CA ILE B 139 -32.60 -16.26 -11.54
C ILE B 139 -31.32 -16.75 -10.87
N PHE B 140 -31.29 -18.02 -10.48
CA PHE B 140 -30.16 -18.58 -9.75
C PHE B 140 -29.19 -19.31 -10.66
N VAL B 141 -27.90 -19.14 -10.40
CA VAL B 141 -26.85 -19.83 -11.14
C VAL B 141 -25.83 -20.43 -10.19
N GLU B 142 -25.70 -21.75 -10.22
CA GLU B 142 -24.76 -22.45 -9.35
C GLU B 142 -23.32 -22.24 -9.80
N THR B 143 -22.46 -21.85 -8.86
CA THR B 143 -21.04 -21.72 -9.13
C THR B 143 -20.22 -22.51 -8.12
N PRO B 144 -20.29 -23.85 -8.18
CA PRO B 144 -19.54 -24.66 -7.21
C PRO B 144 -18.03 -24.45 -7.30
N MET B 145 -17.38 -24.45 -6.14
CA MET B 145 -15.94 -24.23 -6.03
C MET B 145 -15.51 -22.87 -6.59
N LEU B 146 -16.43 -21.91 -6.56
CA LEU B 146 -16.10 -20.53 -6.91
C LEU B 146 -16.61 -19.54 -5.85
N HIS B 147 -15.98 -19.54 -4.68
CA HIS B 147 -14.82 -20.35 -4.38
C HIS B 147 -15.16 -21.50 -3.44
N TRP B 148 -16.43 -21.58 -3.04
CA TRP B 148 -16.91 -22.67 -2.18
C TRP B 148 -17.91 -23.56 -2.92
N PRO B 149 -18.12 -24.78 -2.41
CA PRO B 149 -19.15 -25.68 -2.94
C PRO B 149 -20.56 -25.08 -2.90
N ASP B 150 -20.82 -24.19 -1.95
CA ASP B 150 -22.16 -23.64 -1.78
C ASP B 150 -22.40 -22.39 -2.62
N SER B 151 -21.32 -21.90 -3.22
CA SER B 151 -21.34 -20.63 -3.94
C SER B 151 -22.34 -20.63 -5.10
N MET B 152 -23.08 -19.53 -5.21
CA MET B 152 -23.97 -19.31 -6.34
C MET B 152 -24.13 -17.82 -6.57
N MET B 153 -24.78 -17.47 -7.67
CA MET B 153 -25.07 -16.08 -7.97
C MET B 153 -26.54 -15.89 -8.27
N THR B 154 -27.07 -14.71 -7.93
CA THR B 154 -28.47 -14.41 -8.18
C THR B 154 -28.62 -13.25 -9.16
N TYR B 155 -29.42 -13.46 -10.19
CA TYR B 155 -29.65 -12.44 -11.20
C TYR B 155 -31.08 -11.91 -11.13
N LEU B 156 -31.21 -10.59 -11.12
CA LEU B 156 -32.52 -9.94 -11.09
C LEU B 156 -32.88 -9.39 -12.46
N THR B 157 -33.95 -9.91 -13.04
CA THR B 157 -34.41 -9.47 -14.36
C THR B 157 -34.98 -8.05 -14.29
N GLY B 158 -35.14 -7.42 -15.45
CA GLY B 158 -35.64 -6.07 -15.51
C GLY B 158 -34.58 -5.06 -15.13
N ASP B 159 -34.22 -5.04 -13.85
CA ASP B 159 -33.17 -4.15 -13.37
C ASP B 159 -31.80 -4.59 -13.89
N ALA B 160 -31.73 -5.84 -14.36
CA ALA B 160 -30.50 -6.41 -14.92
C ALA B 160 -29.34 -6.29 -13.96
N VAL B 161 -29.57 -6.69 -12.70
CA VAL B 161 -28.55 -6.60 -11.67
C VAL B 161 -28.08 -7.97 -11.23
N LEU B 162 -26.78 -8.23 -11.37
CA LEU B 162 -26.20 -9.51 -11.00
C LEU B 162 -25.57 -9.47 -9.61
N PHE B 163 -26.13 -10.26 -8.69
CA PHE B 163 -25.56 -10.41 -7.36
C PHE B 163 -24.58 -11.57 -7.38
N SER B 164 -23.28 -11.24 -7.45
CA SER B 164 -22.24 -12.23 -7.70
C SER B 164 -21.55 -12.71 -6.44
N ASN B 165 -21.97 -12.16 -5.29
CA ASN B 165 -21.34 -12.46 -4.01
C ASN B 165 -19.84 -12.20 -4.03
N ASP B 166 -19.03 -13.25 -3.83
CA ASP B 166 -17.58 -13.11 -3.79
C ASP B 166 -16.98 -12.76 -5.14
N ALA B 167 -17.56 -13.28 -6.20
CA ALA B 167 -17.06 -13.05 -7.55
C ALA B 167 -17.03 -11.58 -7.90
N PHE B 168 -15.91 -11.16 -8.51
CA PHE B 168 -15.71 -9.79 -8.97
C PHE B 168 -15.71 -8.78 -7.82
N GLY B 169 -15.56 -9.26 -6.59
CA GLY B 169 -15.52 -8.39 -5.43
C GLY B 169 -14.10 -8.14 -4.97
N GLN B 170 -13.95 -7.22 -4.01
CA GLN B 170 -12.65 -6.92 -3.44
C GLN B 170 -12.80 -6.28 -2.06
N HIS B 171 -11.79 -6.47 -1.21
CA HIS B 171 -11.81 -5.87 0.12
C HIS B 171 -11.32 -4.43 0.05
N TYR B 172 -12.27 -3.51 -0.09
CA TYR B 172 -11.97 -2.09 -0.23
C TYR B 172 -13.11 -1.26 0.35
N CYS B 173 -12.81 -0.53 1.43
CA CYS B 173 -13.85 0.19 2.15
C CYS B 173 -13.92 1.66 1.72
N ASP B 174 -15.13 2.11 1.39
CA ASP B 174 -15.35 3.49 0.96
C ASP B 174 -16.79 3.92 1.26
N GLU B 175 -16.98 5.20 1.55
CA GLU B 175 -18.31 5.72 1.82
C GLU B 175 -19.18 5.68 0.57
N HIS B 176 -18.57 5.92 -0.58
CA HIS B 176 -19.27 5.80 -1.85
C HIS B 176 -19.35 4.32 -2.25
N LEU B 177 -20.47 3.95 -2.86
CA LEU B 177 -20.75 2.55 -3.14
C LEU B 177 -20.34 2.12 -4.55
N PHE B 178 -20.42 3.03 -5.52
CA PHE B 178 -20.21 2.67 -6.91
C PHE B 178 -18.77 2.82 -7.38
N ASN B 179 -18.40 2.04 -8.38
CA ASN B 179 -17.02 1.94 -8.87
C ASN B 179 -16.50 3.23 -9.50
N ASP B 180 -17.41 4.04 -10.04
CA ASP B 180 -17.01 5.28 -10.70
C ASP B 180 -16.87 6.43 -9.69
N GLU B 181 -17.03 6.11 -8.42
CA GLU B 181 -16.96 7.12 -7.36
C GLU B 181 -15.72 6.98 -6.49
N VAL B 182 -14.93 5.94 -6.74
CA VAL B 182 -13.77 5.66 -5.89
C VAL B 182 -12.47 5.81 -6.66
N ASP B 183 -11.34 5.63 -5.97
CA ASP B 183 -10.03 5.71 -6.58
C ASP B 183 -9.77 4.45 -7.40
N GLN B 184 -9.59 4.62 -8.70
CA GLN B 184 -9.49 3.49 -9.62
C GLN B 184 -8.26 2.63 -9.36
N THR B 185 -7.14 3.26 -9.03
CA THR B 185 -5.90 2.53 -8.73
C THR B 185 -6.05 1.64 -7.51
N GLU B 186 -6.52 2.23 -6.41
CA GLU B 186 -6.74 1.49 -5.17
C GLU B 186 -7.74 0.36 -5.38
N LEU B 187 -8.69 0.59 -6.29
CA LEU B 187 -9.69 -0.42 -6.61
C LEU B 187 -9.08 -1.59 -7.37
N PHE B 188 -8.17 -1.28 -8.29
CA PHE B 188 -7.52 -2.31 -9.09
C PHE B 188 -6.57 -3.14 -8.25
N GLU B 189 -5.84 -2.48 -7.36
CA GLU B 189 -4.89 -3.15 -6.48
C GLU B 189 -5.58 -4.20 -5.63
N GLN B 190 -6.72 -3.83 -5.05
CA GLN B 190 -7.48 -4.72 -4.18
C GLN B 190 -8.16 -5.85 -4.94
N CYS B 191 -8.55 -5.57 -6.18
CA CYS B 191 -9.17 -6.58 -7.03
C CYS B 191 -8.19 -7.68 -7.42
N GLN B 192 -6.99 -7.27 -7.79
CA GLN B 192 -5.95 -8.22 -8.22
C GLN B 192 -5.40 -8.97 -7.01
N ARG B 193 -5.31 -8.28 -5.88
CA ARG B 193 -4.88 -8.88 -4.63
C ARG B 193 -5.87 -9.95 -4.20
N TYR B 194 -7.15 -9.68 -4.46
CA TYR B 194 -8.22 -10.60 -4.09
C TYR B 194 -8.14 -11.90 -4.88
N TYR B 195 -8.06 -11.79 -6.21
CA TYR B 195 -8.01 -12.96 -7.08
C TYR B 195 -6.76 -13.79 -6.84
N ALA B 196 -5.61 -13.13 -6.77
CA ALA B 196 -4.32 -13.81 -6.64
C ALA B 196 -4.23 -14.66 -5.38
N ASN B 197 -4.78 -14.16 -4.28
CA ASN B 197 -4.66 -14.84 -3.00
C ASN B 197 -5.79 -15.82 -2.71
N ILE B 198 -6.90 -15.69 -3.44
CA ILE B 198 -8.09 -16.48 -3.15
C ILE B 198 -8.53 -17.36 -4.32
N LEU B 199 -8.66 -16.77 -5.49
CA LEU B 199 -9.30 -17.42 -6.63
C LEU B 199 -8.33 -18.11 -7.58
N THR B 200 -7.03 -18.00 -7.32
CA THR B 200 -6.02 -18.63 -8.17
C THR B 200 -6.18 -20.14 -8.36
N PRO B 201 -6.44 -20.91 -7.28
CA PRO B 201 -6.56 -22.36 -7.52
C PRO B 201 -7.85 -22.77 -8.25
N PHE B 202 -8.74 -21.82 -8.51
CA PHE B 202 -10.00 -22.13 -9.16
C PHE B 202 -10.10 -21.49 -10.55
N SER B 203 -8.96 -21.15 -11.12
CA SER B 203 -8.90 -20.44 -12.40
C SER B 203 -9.46 -21.28 -13.55
N ARG B 204 -9.29 -22.60 -13.46
CA ARG B 204 -9.78 -23.50 -14.49
C ARG B 204 -11.30 -23.51 -14.58
N LEU B 205 -11.96 -23.10 -13.50
CA LEU B 205 -13.42 -23.10 -13.43
C LEU B 205 -14.01 -21.74 -13.79
N VAL B 206 -13.19 -20.70 -13.68
CA VAL B 206 -13.65 -19.34 -13.90
C VAL B 206 -14.11 -19.09 -15.33
N THR B 207 -13.27 -19.45 -16.30
CA THR B 207 -13.58 -19.20 -17.71
C THR B 207 -14.81 -19.96 -18.24
N PRO B 208 -14.93 -21.27 -17.94
CA PRO B 208 -16.14 -21.94 -18.46
C PRO B 208 -17.44 -21.43 -17.81
N LYS B 209 -17.36 -21.02 -16.56
CA LYS B 209 -18.53 -20.53 -15.84
C LYS B 209 -19.02 -19.21 -16.42
N ILE B 210 -18.10 -18.30 -16.68
CA ILE B 210 -18.43 -17.01 -17.28
C ILE B 210 -18.99 -17.21 -18.69
N THR B 211 -18.40 -18.17 -19.40
CA THR B 211 -18.88 -18.53 -20.74
C THR B 211 -20.31 -19.06 -20.68
N GLU B 212 -20.60 -19.85 -19.64
CA GLU B 212 -21.93 -20.39 -19.44
C GLU B 212 -22.95 -19.29 -19.17
N ILE B 213 -22.55 -18.32 -18.34
CA ILE B 213 -23.41 -17.21 -17.97
C ILE B 213 -23.71 -16.32 -19.17
N LEU B 214 -22.69 -16.07 -20.00
CA LEU B 214 -22.85 -15.27 -21.21
C LEU B 214 -23.77 -15.97 -22.20
N GLY B 215 -23.87 -17.29 -22.10
CA GLY B 215 -24.75 -18.06 -22.96
C GLY B 215 -26.22 -17.82 -22.67
N PHE B 216 -26.50 -17.28 -21.48
CA PHE B 216 -27.88 -17.00 -21.07
C PHE B 216 -28.42 -15.77 -21.79
N ASN B 217 -27.50 -14.99 -22.38
CA ASN B 217 -27.85 -13.77 -23.11
C ASN B 217 -28.63 -12.78 -22.26
N LEU B 218 -28.32 -12.74 -20.97
CA LEU B 218 -28.97 -11.83 -20.05
C LEU B 218 -28.18 -10.53 -19.91
N PRO B 219 -28.87 -9.39 -20.03
CA PRO B 219 -28.22 -8.08 -19.90
C PRO B 219 -27.72 -7.82 -18.49
N VAL B 220 -26.59 -7.15 -18.36
CA VAL B 220 -26.03 -6.84 -17.05
C VAL B 220 -25.75 -5.34 -16.94
N ASP B 221 -26.61 -4.64 -16.20
CA ASP B 221 -26.43 -3.21 -15.98
C ASP B 221 -25.53 -2.96 -14.78
N MET B 222 -25.67 -3.78 -13.75
CA MET B 222 -24.86 -3.66 -12.55
C MET B 222 -24.40 -5.01 -12.02
N ILE B 223 -23.24 -5.04 -11.39
CA ILE B 223 -22.77 -6.23 -10.69
C ILE B 223 -22.58 -5.91 -9.21
N ALA B 224 -23.49 -6.42 -8.38
CA ALA B 224 -23.45 -6.16 -6.95
C ALA B 224 -22.80 -7.31 -6.19
N THR B 225 -21.53 -7.12 -5.85
CA THR B 225 -20.77 -8.15 -5.14
C THR B 225 -21.05 -8.13 -3.64
N SER B 226 -20.43 -9.05 -2.92
CA SER B 226 -20.60 -9.12 -1.46
C SER B 226 -19.51 -8.33 -0.75
N HIS B 227 -18.47 -7.96 -1.48
CA HIS B 227 -17.37 -7.18 -0.93
C HIS B 227 -16.99 -6.02 -1.84
N GLY B 228 -16.92 -4.82 -1.27
CA GLY B 228 -16.44 -3.65 -2.00
C GLY B 228 -17.48 -2.94 -2.82
N VAL B 229 -17.05 -2.34 -3.92
CA VAL B 229 -17.91 -1.46 -4.71
C VAL B 229 -18.92 -2.23 -5.57
N VAL B 230 -20.00 -1.55 -5.91
CA VAL B 230 -20.96 -2.06 -6.89
C VAL B 230 -20.59 -1.55 -8.27
N TRP B 231 -20.32 -2.48 -9.19
CA TRP B 231 -19.95 -2.11 -10.56
C TRP B 231 -21.16 -1.68 -11.36
N ARG B 232 -21.26 -0.38 -11.65
CA ARG B 232 -22.38 0.13 -12.45
C ARG B 232 -21.87 0.81 -13.72
N ASP B 233 -20.65 1.33 -13.68
CA ASP B 233 -20.07 2.00 -14.84
C ASP B 233 -19.16 1.06 -15.59
N ASN B 234 -19.63 0.59 -16.75
CA ASN B 234 -18.93 -0.43 -17.52
C ASN B 234 -18.59 -1.64 -16.64
N PRO B 235 -19.63 -2.35 -16.15
CA PRO B 235 -19.44 -3.41 -15.15
C PRO B 235 -18.62 -4.59 -15.66
N THR B 236 -18.64 -4.81 -16.97
CA THR B 236 -17.95 -5.96 -17.56
C THR B 236 -16.44 -5.82 -17.54
N GLN B 237 -15.94 -4.69 -17.05
CA GLN B 237 -14.50 -4.46 -16.99
C GLN B 237 -13.85 -5.40 -15.98
N ILE B 238 -14.58 -5.74 -14.93
CA ILE B 238 -14.07 -6.67 -13.92
C ILE B 238 -14.18 -8.10 -14.44
N VAL B 239 -15.13 -8.33 -15.33
CA VAL B 239 -15.31 -9.62 -15.96
C VAL B 239 -14.15 -9.92 -16.91
N GLU B 240 -13.74 -8.92 -17.68
CA GLU B 240 -12.63 -9.05 -18.60
C GLU B 240 -11.32 -9.28 -17.86
N LEU B 241 -11.15 -8.60 -16.73
CA LEU B 241 -9.98 -8.81 -15.88
C LEU B 241 -9.94 -10.23 -15.33
N TYR B 242 -11.11 -10.78 -14.99
CA TYR B 242 -11.20 -12.13 -14.48
C TYR B 242 -10.85 -13.17 -15.54
N LEU B 243 -11.24 -12.91 -16.78
CA LEU B 243 -10.90 -13.81 -17.88
C LEU B 243 -9.40 -13.84 -18.14
N LYS B 244 -8.77 -12.68 -18.07
CA LYS B 244 -7.33 -12.57 -18.29
C LYS B 244 -6.54 -13.19 -17.13
N TRP B 245 -6.99 -12.94 -15.91
CA TRP B 245 -6.32 -13.44 -14.72
C TRP B 245 -6.45 -14.95 -14.58
N ALA B 246 -7.51 -15.51 -15.15
CA ALA B 246 -7.77 -16.94 -15.05
C ALA B 246 -6.88 -17.76 -15.97
N ALA B 247 -6.56 -17.20 -17.13
CA ALA B 247 -5.81 -17.94 -18.15
C ALA B 247 -4.31 -18.01 -17.83
N ASP B 248 -3.99 -18.53 -16.66
CA ASP B 248 -2.60 -18.69 -16.21
C ASP B 248 -1.82 -17.39 -16.38
N TYR B 249 -2.37 -16.32 -15.83
CA TYR B 249 -1.86 -14.96 -16.00
C TYR B 249 -0.40 -14.81 -15.60
N GLN B 250 0.37 -14.09 -16.41
CA GLN B 250 1.73 -13.74 -16.08
C GLN B 250 2.21 -12.56 -16.90
N GLU B 251 2.99 -11.69 -16.25
CA GLU B 251 3.64 -10.58 -16.94
C GLU B 251 5.12 -10.89 -17.06
N ASP B 252 5.85 -10.06 -17.81
CA ASP B 252 7.30 -10.22 -17.87
C ASP B 252 7.90 -9.70 -16.56
N ARG B 253 7.86 -10.53 -15.52
CA ARG B 253 8.20 -10.11 -14.17
C ARG B 253 8.74 -11.27 -13.36
N ILE B 254 9.76 -11.00 -12.55
CA ILE B 254 10.37 -12.03 -11.72
C ILE B 254 10.34 -11.65 -10.25
N THR B 255 9.74 -12.50 -9.43
CA THR B 255 9.65 -12.24 -7.99
C THR B 255 10.68 -13.05 -7.20
N ILE B 256 11.53 -12.34 -6.47
CA ILE B 256 12.51 -12.98 -5.61
C ILE B 256 12.13 -12.77 -4.16
N PHE B 257 11.96 -13.85 -3.41
CA PHE B 257 11.73 -13.72 -1.98
C PHE B 257 12.52 -14.78 -1.19
N TYR B 258 12.85 -14.44 0.05
CA TYR B 258 13.77 -15.24 0.84
C TYR B 258 13.59 -15.00 2.33
N ASP B 259 14.26 -15.83 3.13
CA ASP B 259 14.41 -15.54 4.55
C ASP B 259 15.88 -15.77 4.92
N THR B 260 16.41 -14.90 5.79
CA THR B 260 17.83 -14.96 6.13
C THR B 260 18.07 -14.70 7.60
N MET B 261 19.17 -15.26 8.13
CA MET B 261 19.52 -15.11 9.53
C MET B 261 20.69 -14.15 9.73
N SER B 262 21.57 -14.08 8.74
CA SER B 262 22.72 -13.20 8.81
C SER B 262 23.01 -12.51 7.47
N ASN B 263 21.96 -12.38 6.66
CA ASN B 263 21.98 -11.60 5.42
C ASN B 263 22.79 -12.19 4.26
N ASN B 264 23.37 -13.37 4.46
CA ASN B 264 24.13 -14.03 3.40
C ASN B 264 23.26 -14.37 2.20
N THR B 265 22.07 -14.91 2.46
CA THR B 265 21.14 -15.25 1.39
C THR B 265 20.60 -13.98 0.74
N ARG B 266 20.43 -12.93 1.53
CA ARG B 266 20.02 -11.63 1.01
C ARG B 266 21.01 -11.10 -0.01
N MET B 267 22.29 -11.19 0.32
CA MET B 267 23.36 -10.79 -0.59
C MET B 267 23.29 -11.56 -1.90
N MET B 268 22.90 -12.84 -1.80
CA MET B 268 22.73 -13.67 -2.98
C MET B 268 21.55 -13.18 -3.82
N ALA B 269 20.46 -12.84 -3.15
CA ALA B 269 19.25 -12.37 -3.83
C ALA B 269 19.48 -11.08 -4.60
N ASP B 270 20.21 -10.15 -4.00
CA ASP B 270 20.49 -8.86 -4.63
C ASP B 270 21.40 -9.02 -5.85
N ALA B 271 22.32 -9.97 -5.78
CA ALA B 271 23.25 -10.22 -6.88
C ALA B 271 22.54 -10.89 -8.05
N ILE B 272 21.58 -11.77 -7.75
CA ILE B 272 20.77 -12.42 -8.78
C ILE B 272 19.96 -11.39 -9.55
N ALA B 273 19.30 -10.49 -8.83
CA ALA B 273 18.48 -9.44 -9.43
C ALA B 273 19.27 -8.57 -10.39
N GLN B 274 20.50 -8.23 -10.02
CA GLN B 274 21.35 -7.41 -10.87
C GLN B 274 21.67 -8.13 -12.19
N GLY B 275 21.98 -9.41 -12.09
CA GLY B 275 22.26 -10.22 -13.25
C GLY B 275 21.09 -10.29 -14.22
N ILE B 276 19.88 -10.37 -13.66
CA ILE B 276 18.67 -10.39 -14.47
C ILE B 276 18.44 -9.04 -15.15
N ALA B 277 18.57 -7.97 -14.38
CA ALA B 277 18.31 -6.62 -14.87
C ALA B 277 19.26 -6.19 -15.98
N GLU B 278 20.50 -6.66 -15.93
CA GLU B 278 21.50 -6.28 -16.93
C GLU B 278 21.55 -7.28 -18.07
N THR B 279 20.59 -8.21 -18.09
CA THR B 279 20.51 -9.18 -19.17
C THR B 279 19.19 -8.99 -19.93
N ASP B 280 18.12 -8.74 -19.18
CA ASP B 280 16.81 -8.49 -19.78
C ASP B 280 16.18 -7.24 -19.17
N PRO B 281 16.25 -6.11 -19.89
CA PRO B 281 15.70 -4.83 -19.43
C PRO B 281 14.17 -4.80 -19.41
N ARG B 282 13.54 -5.80 -20.01
CA ARG B 282 12.08 -5.85 -20.08
C ARG B 282 11.47 -6.46 -18.81
N VAL B 283 12.30 -7.12 -18.02
CA VAL B 283 11.84 -7.81 -16.84
C VAL B 283 11.71 -6.90 -15.62
N ALA B 284 10.52 -6.89 -15.01
CA ALA B 284 10.32 -6.20 -13.75
C ALA B 284 10.69 -7.12 -12.59
N VAL B 285 11.53 -6.64 -11.69
CA VAL B 285 12.04 -7.48 -10.60
C VAL B 285 11.65 -6.92 -9.23
N LYS B 286 10.99 -7.75 -8.43
CA LYS B 286 10.65 -7.39 -7.06
C LYS B 286 11.37 -8.31 -6.08
N ILE B 287 11.82 -7.75 -4.97
CA ILE B 287 12.54 -8.52 -3.96
C ILE B 287 11.88 -8.35 -2.59
N PHE B 288 11.68 -9.46 -1.89
CA PHE B 288 11.01 -9.43 -0.59
C PHE B 288 11.68 -10.34 0.43
N ASN B 289 11.95 -9.81 1.62
CA ASN B 289 12.28 -10.66 2.76
C ASN B 289 10.97 -11.06 3.41
N VAL B 290 10.64 -12.35 3.39
CA VAL B 290 9.34 -12.82 3.85
C VAL B 290 9.09 -12.57 5.34
N ALA B 291 10.18 -12.39 6.08
CA ALA B 291 10.09 -12.12 7.51
C ALA B 291 9.76 -10.65 7.78
N ARG B 292 9.91 -9.82 6.75
CA ARG B 292 9.77 -8.37 6.91
C ARG B 292 8.80 -7.77 5.91
N SER B 293 8.10 -8.63 5.17
CA SER B 293 7.23 -8.15 4.10
C SER B 293 5.78 -8.62 4.26
N ASP B 294 4.88 -8.01 3.50
CA ASP B 294 3.49 -8.43 3.43
C ASP B 294 3.39 -9.70 2.61
N LYS B 295 2.91 -10.77 3.22
CA LYS B 295 2.82 -12.07 2.56
C LYS B 295 1.91 -12.04 1.33
N ASN B 296 0.83 -11.28 1.41
CA ASN B 296 -0.13 -11.21 0.31
C ASN B 296 0.39 -10.39 -0.86
N GLU B 297 1.25 -9.41 -0.57
CA GLU B 297 1.88 -8.62 -1.62
C GLU B 297 2.86 -9.48 -2.40
N ILE B 298 3.53 -10.39 -1.69
CA ILE B 298 4.44 -11.32 -2.31
C ILE B 298 3.69 -12.25 -3.27
N LEU B 299 2.59 -12.83 -2.80
CA LEU B 299 1.82 -13.77 -3.59
C LEU B 299 1.14 -13.10 -4.78
N THR B 300 0.80 -11.82 -4.63
CA THR B 300 0.23 -11.06 -5.73
C THR B 300 1.27 -10.89 -6.83
N ASN B 301 2.52 -10.70 -6.43
CA ASN B 301 3.62 -10.58 -7.39
C ASN B 301 3.94 -11.90 -8.07
N VAL B 302 3.88 -12.99 -7.31
CA VAL B 302 4.09 -14.33 -7.86
C VAL B 302 3.05 -14.61 -8.94
N PHE B 303 1.82 -14.18 -8.67
CA PHE B 303 0.71 -14.32 -9.60
C PHE B 303 0.97 -13.60 -10.92
N ARG B 304 1.56 -12.41 -10.82
CA ARG B 304 1.87 -11.60 -11.99
C ARG B 304 3.17 -12.04 -12.66
N SER B 305 3.97 -12.80 -11.94
CA SER B 305 5.30 -13.17 -12.41
C SER B 305 5.30 -14.36 -13.35
N LYS B 306 6.30 -14.42 -14.23
CA LYS B 306 6.48 -15.55 -15.13
C LYS B 306 7.27 -16.65 -14.43
N GLY B 307 7.99 -16.26 -13.38
CA GLY B 307 8.79 -17.19 -12.60
C GLY B 307 9.33 -16.54 -11.34
N VAL B 308 9.68 -17.37 -10.36
CA VAL B 308 10.16 -16.87 -9.08
C VAL B 308 11.48 -17.52 -8.67
N LEU B 309 12.25 -16.82 -7.85
CA LEU B 309 13.41 -17.41 -7.21
C LEU B 309 13.25 -17.34 -5.69
N VAL B 310 13.33 -18.49 -5.03
CA VAL B 310 13.12 -18.56 -3.59
C VAL B 310 14.42 -18.89 -2.86
N GLY B 311 14.74 -18.11 -1.84
CA GLY B 311 15.97 -18.28 -1.09
C GLY B 311 15.75 -18.73 0.34
N THR B 312 16.66 -19.57 0.82
CA THR B 312 16.64 -20.00 2.21
C THR B 312 18.03 -20.43 2.69
N SER B 313 18.33 -20.12 3.95
CA SER B 313 19.55 -20.61 4.56
C SER B 313 19.27 -21.96 5.20
N THR B 314 20.30 -22.79 5.33
CA THR B 314 20.13 -24.07 6.00
C THR B 314 20.15 -23.87 7.51
N MET B 315 19.03 -24.18 8.15
CA MET B 315 18.89 -24.04 9.58
C MET B 315 18.46 -25.37 10.19
N ASN B 316 19.36 -25.98 10.97
CA ASN B 316 19.10 -27.28 11.58
C ASN B 316 18.75 -28.34 10.54
N ASN B 317 19.56 -28.39 9.48
CA ASN B 317 19.40 -29.35 8.39
C ASN B 317 18.10 -29.19 7.58
N VAL B 318 17.28 -28.21 7.94
CA VAL B 318 16.08 -27.92 7.17
C VAL B 318 16.04 -26.45 6.77
N MET B 319 14.98 -26.05 6.07
CA MET B 319 14.85 -24.67 5.61
C MET B 319 14.20 -23.80 6.69
N MET B 320 14.22 -22.49 6.47
CA MET B 320 13.58 -21.57 7.40
C MET B 320 12.07 -21.67 7.31
N PRO B 321 11.40 -21.73 8.48
CA PRO B 321 9.95 -21.98 8.64
C PRO B 321 9.05 -21.11 7.77
N LYS B 322 9.32 -19.81 7.70
CA LYS B 322 8.49 -18.91 6.92
C LYS B 322 8.50 -19.29 5.44
N ILE B 323 9.66 -19.70 4.95
CA ILE B 323 9.79 -20.15 3.57
C ILE B 323 9.01 -21.43 3.35
N ALA B 324 9.19 -22.39 4.25
CA ALA B 324 8.45 -23.64 4.21
C ALA B 324 6.96 -23.38 4.30
N GLY B 325 6.59 -22.44 5.17
CA GLY B 325 5.20 -22.05 5.34
C GLY B 325 4.62 -21.42 4.08
N LEU B 326 5.40 -20.54 3.47
CA LEU B 326 4.94 -19.84 2.26
C LEU B 326 4.81 -20.79 1.08
N VAL B 327 5.77 -21.70 0.93
CA VAL B 327 5.75 -22.68 -0.15
C VAL B 327 4.52 -23.59 -0.03
N GLU B 328 4.20 -23.95 1.21
CA GLU B 328 3.01 -24.76 1.48
C GLU B 328 1.75 -24.09 0.91
N GLU B 329 1.62 -22.79 1.13
CA GLU B 329 0.46 -22.06 0.66
C GLU B 329 0.41 -22.01 -0.88
N MET B 330 1.57 -21.81 -1.50
CA MET B 330 1.64 -21.81 -2.96
C MET B 330 1.27 -23.18 -3.53
N THR B 331 1.56 -24.22 -2.75
CA THR B 331 1.21 -25.58 -3.14
C THR B 331 -0.32 -25.73 -3.19
N GLY B 332 -1.01 -24.92 -2.39
CA GLY B 332 -2.46 -24.91 -2.38
C GLY B 332 -3.05 -23.97 -3.41
N LEU B 333 -2.32 -22.90 -3.71
CA LEU B 333 -2.77 -21.90 -4.68
C LEU B 333 -2.65 -22.44 -6.12
N ARG B 334 -1.75 -23.40 -6.30
CA ARG B 334 -1.59 -24.09 -7.57
C ARG B 334 -1.34 -23.14 -8.74
N PHE B 335 -0.25 -22.38 -8.69
CA PHE B 335 0.14 -21.52 -9.79
C PHE B 335 0.53 -22.35 -11.00
N ARG B 336 0.23 -21.85 -12.20
CA ARG B 336 0.46 -22.61 -13.42
C ARG B 336 1.33 -21.87 -14.43
N ASN B 337 2.05 -22.64 -15.25
CA ASN B 337 2.94 -22.11 -16.28
C ASN B 337 3.98 -21.14 -15.70
N LYS B 338 4.49 -21.47 -14.52
CA LYS B 338 5.54 -20.67 -13.90
C LYS B 338 6.79 -21.50 -13.62
N ARG B 339 7.94 -20.83 -13.60
CA ARG B 339 9.20 -21.50 -13.35
C ARG B 339 9.75 -21.08 -11.99
N ALA B 340 10.71 -21.83 -11.48
CA ALA B 340 11.31 -21.49 -10.19
C ALA B 340 12.76 -21.99 -10.07
N SER B 341 13.52 -21.29 -9.22
CA SER B 341 14.88 -21.67 -8.91
C SER B 341 15.18 -21.40 -7.45
N ALA B 342 15.66 -22.41 -6.73
CA ALA B 342 16.00 -22.26 -5.32
C ALA B 342 17.44 -21.83 -5.12
N PHE B 343 17.69 -21.03 -4.10
CA PHE B 343 19.05 -20.63 -3.75
C PHE B 343 19.20 -20.42 -2.24
N GLY B 344 20.42 -20.20 -1.79
CA GLY B 344 20.66 -19.94 -0.38
C GLY B 344 22.06 -20.25 0.11
N SER B 345 22.39 -19.71 1.27
CA SER B 345 23.70 -19.92 1.88
C SER B 345 23.64 -21.04 2.91
N HIS B 346 24.77 -21.70 3.14
CA HIS B 346 24.86 -22.73 4.16
C HIS B 346 26.20 -22.63 4.90
N GLY B 347 26.30 -23.34 6.02
CA GLY B 347 27.50 -23.32 6.83
C GLY B 347 28.45 -24.48 6.55
N TRP B 348 27.92 -25.69 6.54
CA TRP B 348 28.74 -26.87 6.30
C TRP B 348 28.10 -27.84 5.31
N SER B 349 27.22 -28.70 5.80
CA SER B 349 26.61 -29.74 4.96
C SER B 349 25.45 -29.21 4.12
N GLY B 350 24.77 -28.19 4.62
CA GLY B 350 23.64 -27.60 3.89
C GLY B 350 22.47 -28.55 3.77
N GLY B 351 21.74 -28.45 2.66
CA GLY B 351 20.64 -29.36 2.38
C GLY B 351 19.29 -28.69 2.23
N ALA B 352 19.16 -27.45 2.67
CA ALA B 352 17.87 -26.76 2.66
C ALA B 352 17.50 -26.26 1.27
N VAL B 353 18.49 -26.06 0.41
CA VAL B 353 18.23 -25.56 -0.94
C VAL B 353 17.61 -26.66 -1.81
N ASP B 354 18.16 -27.87 -1.70
CA ASP B 354 17.61 -29.02 -2.41
C ASP B 354 16.23 -29.35 -1.87
N ARG B 355 16.09 -29.27 -0.55
CA ARG B 355 14.82 -29.48 0.13
C ARG B 355 13.77 -28.51 -0.36
N LEU B 356 14.19 -27.25 -0.59
CA LEU B 356 13.29 -26.21 -1.08
C LEU B 356 12.94 -26.40 -2.54
N SER B 357 13.94 -26.73 -3.36
CA SER B 357 13.74 -26.92 -4.79
C SER B 357 12.73 -28.03 -5.06
N THR B 358 12.77 -29.07 -4.24
CA THR B 358 11.87 -30.21 -4.39
C THR B 358 10.42 -29.82 -4.11
N ARG B 359 10.22 -29.05 -3.03
CA ARG B 359 8.88 -28.64 -2.62
C ARG B 359 8.29 -27.60 -3.55
N LEU B 360 9.14 -26.78 -4.16
CA LEU B 360 8.69 -25.84 -5.17
C LEU B 360 8.14 -26.60 -6.38
N GLN B 361 8.81 -27.69 -6.74
CA GLN B 361 8.35 -28.56 -7.82
C GLN B 361 7.01 -29.19 -7.45
N ASP B 362 6.86 -29.52 -6.17
CA ASP B 362 5.61 -30.06 -5.65
C ASP B 362 4.48 -29.03 -5.77
N ALA B 363 4.85 -27.75 -5.75
CA ALA B 363 3.89 -26.68 -5.86
C ALA B 363 3.49 -26.43 -7.31
N GLY B 364 4.15 -27.10 -8.24
CA GLY B 364 3.81 -27.01 -9.65
C GLY B 364 4.75 -26.14 -10.47
N PHE B 365 5.81 -25.64 -9.83
CA PHE B 365 6.79 -24.82 -10.52
C PHE B 365 7.75 -25.67 -11.35
N GLU B 366 8.06 -25.21 -12.56
CA GLU B 366 9.07 -25.85 -13.39
C GLU B 366 10.47 -25.43 -12.93
N MET B 367 11.21 -26.38 -12.35
CA MET B 367 12.44 -26.06 -11.63
C MET B 367 13.68 -25.96 -12.51
N SER B 368 14.38 -24.83 -12.40
CA SER B 368 15.70 -24.68 -13.00
C SER B 368 16.76 -25.02 -11.97
N LEU B 369 18.03 -24.98 -12.38
CA LEU B 369 19.14 -25.35 -11.50
C LEU B 369 19.20 -24.48 -10.25
N SER B 370 19.68 -25.07 -9.16
CA SER B 370 19.79 -24.37 -7.88
C SER B 370 21.10 -23.59 -7.76
N LEU B 371 21.14 -22.63 -6.86
CA LEU B 371 22.36 -21.87 -6.59
C LEU B 371 22.74 -21.93 -5.12
N LYS B 372 23.94 -22.42 -4.84
CA LYS B 372 24.40 -22.57 -3.46
C LYS B 372 25.69 -21.81 -3.20
N ALA B 373 25.79 -21.25 -2.00
CA ALA B 373 26.99 -20.52 -1.59
C ALA B 373 27.30 -20.80 -0.12
N LYS B 374 28.58 -20.79 0.23
CA LYS B 374 29.01 -21.07 1.59
C LYS B 374 29.27 -19.78 2.35
N TRP B 375 28.65 -19.67 3.53
CA TRP B 375 28.77 -18.48 4.39
C TRP B 375 28.44 -17.19 3.63
N ARG B 376 29.22 -16.15 3.88
CA ARG B 376 29.04 -14.86 3.22
C ARG B 376 29.77 -14.82 1.89
N PRO B 377 29.06 -14.50 0.81
CA PRO B 377 29.63 -14.43 -0.54
C PRO B 377 30.67 -13.33 -0.69
N ASP B 378 31.88 -13.69 -1.15
CA ASP B 378 32.88 -12.69 -1.48
C ASP B 378 32.64 -12.17 -2.90
N GLN B 379 33.60 -11.45 -3.46
CA GLN B 379 33.46 -10.87 -4.79
C GLN B 379 33.26 -11.94 -5.86
N ASP B 380 34.01 -13.03 -5.75
CA ASP B 380 33.92 -14.13 -6.71
C ASP B 380 32.57 -14.83 -6.63
N ALA B 381 32.11 -15.09 -5.40
CA ALA B 381 30.83 -15.77 -5.20
C ALA B 381 29.67 -14.91 -5.70
N LEU B 382 29.80 -13.60 -5.52
CA LEU B 382 28.76 -12.67 -5.98
C LEU B 382 28.70 -12.62 -7.51
N LYS B 383 29.80 -12.97 -8.16
CA LYS B 383 29.84 -13.05 -9.62
C LYS B 383 29.00 -14.23 -10.10
N LEU B 384 29.14 -15.38 -9.43
CA LEU B 384 28.37 -16.57 -9.74
C LEU B 384 26.88 -16.33 -9.54
N CYS B 385 26.54 -15.58 -8.49
CA CYS B 385 25.16 -15.23 -8.22
C CYS B 385 24.63 -14.31 -9.30
N ARG B 386 25.47 -13.38 -9.73
CA ARG B 386 25.13 -12.46 -10.81
C ARG B 386 24.97 -13.23 -12.11
N GLU B 387 25.81 -14.24 -12.31
CA GLU B 387 25.75 -15.05 -13.52
C GLU B 387 24.53 -15.97 -13.51
N HIS B 388 24.15 -16.43 -12.33
CA HIS B 388 22.95 -17.25 -12.20
C HIS B 388 21.73 -16.46 -12.64
N GLY B 389 21.67 -15.20 -12.25
CA GLY B 389 20.61 -14.30 -12.69
C GLY B 389 20.61 -14.11 -14.19
N ARG B 390 21.81 -14.06 -14.77
CA ARG B 390 21.95 -13.93 -16.22
C ARG B 390 21.38 -15.15 -16.93
N GLU B 391 21.72 -16.34 -16.43
CA GLU B 391 21.27 -17.59 -17.01
C GLU B 391 19.75 -17.75 -16.88
N ILE B 392 19.21 -17.28 -15.77
CA ILE B 392 17.77 -17.29 -15.54
C ILE B 392 17.08 -16.38 -16.55
N ALA B 393 17.67 -15.20 -16.78
CA ALA B 393 17.10 -14.23 -17.70
C ALA B 393 17.04 -14.76 -19.13
N ARG B 394 18.01 -15.60 -19.49
CA ARG B 394 18.05 -16.18 -20.83
C ARG B 394 17.11 -17.38 -20.96
N GLN B 395 16.98 -18.16 -19.89
CA GLN B 395 16.11 -19.32 -19.89
C GLN B 395 14.63 -18.95 -19.90
N TRP B 396 14.29 -17.89 -19.18
CA TRP B 396 12.88 -17.53 -18.96
C TRP B 396 12.43 -16.42 -19.89
N ALA B 397 13.29 -16.06 -20.84
CA ALA B 397 12.99 -14.98 -21.76
C ALA B 397 11.78 -15.31 -22.64
N LEU B 398 10.79 -14.44 -22.62
CA LEU B 398 9.58 -14.63 -23.42
C LEU B 398 9.88 -14.36 -24.89
N ALA B 399 10.63 -13.29 -25.12
CA ALA B 399 11.07 -12.89 -26.45
C ALA B 399 12.60 -12.92 -26.50
N PRO B 400 13.18 -13.02 -27.70
CA PRO B 400 14.64 -12.98 -27.81
C PRO B 400 15.23 -11.68 -27.25
N LEU B 401 16.50 -11.72 -26.87
CA LEU B 401 17.20 -10.60 -26.23
C LEU B 401 16.73 -10.50 -24.78
N1 FMN C . -14.87 7.62 31.67
C2 FMN C . -14.82 8.91 32.17
O2 FMN C . -15.79 9.65 32.08
N3 FMN C . -13.67 9.36 32.79
C4 FMN C . -12.57 8.54 32.90
O4 FMN C . -11.55 8.93 33.45
C4A FMN C . -12.62 7.24 32.40
N5 FMN C . -11.52 6.42 32.52
C5A FMN C . -11.56 5.14 32.02
C6 FMN C . -10.45 4.32 32.14
C7 FMN C . -10.48 3.01 31.64
C7M FMN C . -9.28 2.13 31.78
C8 FMN C . -11.64 2.55 31.02
C8M FMN C . -11.68 1.15 30.48
C9 FMN C . -12.74 3.38 30.90
C9A FMN C . -12.71 4.67 31.40
N10 FMN C . -13.82 5.49 31.27
C10 FMN C . -13.78 6.78 31.78
C1' FMN C . -15.06 4.99 30.61
C2' FMN C . -15.00 5.18 29.09
O2' FMN C . -14.76 6.54 28.79
C3' FMN C . -16.30 4.72 28.45
O3' FMN C . -16.37 3.32 28.53
C4' FMN C . -16.40 5.16 26.99
O4' FMN C . -17.75 5.36 26.66
C5' FMN C . -15.82 4.11 26.06
O5' FMN C . -15.20 4.73 24.94
P FMN C . -14.68 3.83 23.71
O1P FMN C . -14.95 4.56 22.41
O2P FMN C . -13.21 3.54 23.86
O3P FMN C . -15.46 2.53 23.69
FE FE D . 17.64 11.08 3.32
FE FE E . 17.70 13.74 5.42
O O F . 18.59 12.04 4.79
KR KR G . 14.30 23.69 -8.29
KR KR H . 13.04 22.26 -2.56
KR KR I . 14.39 18.19 1.25
O1 OXY J . 14.87 12.55 4.69
O2 OXY J . 14.95 11.38 4.91
N1 FMN K . 24.63 -24.70 8.33
C2 FMN K . 24.55 -25.98 7.82
O2 FMN K . 25.25 -26.31 6.88
N3 FMN K . 23.66 -26.88 8.36
C4 FMN K . 22.85 -26.51 9.42
O4 FMN K . 22.07 -27.32 9.91
C4A FMN K . 22.94 -25.23 9.94
N5 FMN K . 22.15 -24.85 11.00
C5A FMN K . 22.23 -23.57 11.52
C6 FMN K . 21.43 -23.20 12.58
C7 FMN K . 21.51 -21.91 13.11
C7M FMN K . 20.63 -21.52 14.26
C8 FMN K . 22.40 -21.01 12.56
C8M FMN K . 22.50 -19.62 13.13
C9 FMN K . 23.21 -21.38 11.49
C9A FMN K . 23.13 -22.66 10.96
N10 FMN K . 23.93 -23.04 9.90
C10 FMN K . 23.83 -24.31 9.39
C1' FMN K . 24.90 -22.06 9.30
C2' FMN K . 24.22 -21.18 8.26
O2' FMN K . 23.59 -21.97 7.28
C3' FMN K . 25.24 -20.24 7.62
O3' FMN K . 25.63 -19.29 8.59
C4' FMN K . 24.70 -19.51 6.40
O4' FMN K . 25.78 -19.25 5.52
C5' FMN K . 24.04 -18.19 6.77
O5' FMN K . 22.80 -18.04 6.10
P FMN K . 22.02 -16.64 6.12
O1P FMN K . 21.58 -16.30 4.72
O2P FMN K . 20.81 -16.76 7.02
O3P FMN K . 22.94 -15.55 6.62
FE FE L . -16.52 -13.19 1.29
FE FE M . -16.10 -16.50 0.72
O O N . -16.88 -15.05 1.59
KR KR O . -15.58 -16.22 -6.37
KR KR P . -16.57 -16.06 -11.78
KR KR Q . -20.56 -12.96 -15.42
#